data_5U2I
#
_entry.id   5U2I
#
_cell.length_a   67.900
_cell.length_b   110.380
_cell.length_c   68.140
_cell.angle_alpha   90.000
_cell.angle_beta   118.550
_cell.angle_gamma   90.000
#
_symmetry.space_group_name_H-M   'P 1 21 1'
#
loop_
_entity.id
_entity.type
_entity.pdbx_description
1 polymer 'Nucleoside diphosphate kinase'
2 non-polymer 1,2-ETHANEDIOL
3 non-polymer 'MAGNESIUM ION'
4 non-polymer 'FORMIC ACID'
5 water water
#
_entity_poly.entity_id   1
_entity_poly.type   'polypeptide(L)'
_entity_poly.pdbx_seq_one_letter_code
;MAHHHHHHMSNERTFIALKPDAVQRGLVGTIIARFEQKGFKLVALKLITPSADLAKKHYAEHDGKPFFNGLVEFLTSGPV
AAMVWEGKGVVAAARKMIGATKPLESAPGTIRGDFAIDVGRNIIHGSDAVETAQREIALWFQDSELNEWTPTQNKWIYE
;
_entity_poly.pdbx_strand_id   A,B,C,D,E,F
#
loop_
_chem_comp.id
_chem_comp.type
_chem_comp.name
_chem_comp.formula
EDO non-polymer 1,2-ETHANEDIOL 'C2 H6 O2'
FMT non-polymer 'FORMIC ACID' 'C H2 O2'
MG non-polymer 'MAGNESIUM ION' 'Mg 2'
#
# COMPACT_ATOMS: atom_id res chain seq x y z
N MET A 9 28.14 -9.39 14.73
CA MET A 9 27.09 -8.48 15.16
C MET A 9 25.83 -8.55 14.29
N SER A 10 25.96 -9.07 13.06
CA SER A 10 24.77 -9.19 12.22
C SER A 10 23.87 -10.34 12.62
N ASN A 11 24.26 -11.16 13.59
CA ASN A 11 23.37 -12.19 14.10
C ASN A 11 22.69 -11.79 15.40
N GLU A 12 22.72 -10.50 15.76
CA GLU A 12 21.91 -10.03 16.87
C GLU A 12 20.43 -10.38 16.64
N ARG A 13 19.73 -10.67 17.72
CA ARG A 13 18.32 -11.02 17.64
C ARG A 13 17.50 -10.22 18.64
N THR A 14 16.25 -9.99 18.29
CA THR A 14 15.32 -9.37 19.22
C THR A 14 14.01 -10.16 19.26
N PHE A 15 13.27 -10.00 20.35
CA PHE A 15 11.95 -10.60 20.51
C PHE A 15 10.87 -9.55 20.24
N ILE A 16 9.89 -9.90 19.40
CA ILE A 16 8.75 -9.04 19.13
C ILE A 16 7.48 -9.81 19.44
N ALA A 17 6.53 -9.17 20.12
CA ALA A 17 5.19 -9.71 20.29
C ALA A 17 4.19 -8.71 19.76
N LEU A 18 3.31 -9.19 18.89
CA LEU A 18 2.14 -8.41 18.50
C LEU A 18 1.03 -8.84 19.44
N LYS A 19 0.61 -7.90 20.29
CA LYS A 19 -0.24 -8.17 21.44
C LYS A 19 -1.68 -8.37 20.99
N PRO A 20 -2.60 -8.72 21.91
CA PRO A 20 -3.95 -9.10 21.44
C PRO A 20 -4.67 -8.02 20.68
N ASP A 21 -4.40 -6.74 20.95
CA ASP A 21 -4.98 -5.66 20.18
C ASP A 21 -4.51 -5.67 18.73
N ALA A 22 -3.22 -5.99 18.49
CA ALA A 22 -2.75 -6.10 17.11
C ALA A 22 -3.44 -7.21 16.35
N VAL A 23 -3.65 -8.35 17.00
CA VAL A 23 -4.30 -9.47 16.33
C VAL A 23 -5.77 -9.16 16.05
N GLN A 24 -6.50 -8.63 17.03
CA GLN A 24 -7.91 -8.29 16.85
C GLN A 24 -8.11 -7.22 15.81
N ARG A 25 -7.12 -6.34 15.61
CA ARG A 25 -7.24 -5.23 14.64
C ARG A 25 -6.67 -5.61 13.28
N GLY A 26 -6.25 -6.86 13.07
CA GLY A 26 -5.83 -7.25 11.74
C GLY A 26 -4.52 -6.66 11.30
N LEU A 27 -3.56 -6.50 12.22
CA LEU A 27 -2.30 -5.85 11.92
C LEU A 27 -1.13 -6.81 11.84
N VAL A 28 -1.36 -8.12 11.92
CA VAL A 28 -0.23 -9.06 12.00
C VAL A 28 0.62 -9.00 10.74
N GLY A 29 -0.01 -9.17 9.57
CA GLY A 29 0.76 -9.21 8.34
C GLY A 29 1.39 -7.87 8.02
N THR A 30 0.65 -6.79 8.22
CA THR A 30 1.15 -5.44 7.97
CA THR A 30 1.21 -5.49 7.91
C THR A 30 2.42 -5.17 8.76
N ILE A 31 2.44 -5.57 10.03
CA ILE A 31 3.63 -5.29 10.84
C ILE A 31 4.78 -6.22 10.46
N ILE A 32 4.52 -7.52 10.27
CA ILE A 32 5.60 -8.41 9.84
C ILE A 32 6.26 -7.88 8.56
N ALA A 33 5.44 -7.36 7.63
CA ALA A 33 5.98 -6.87 6.36
C ALA A 33 6.95 -5.73 6.57
N ARG A 34 6.74 -4.91 7.60
CA ARG A 34 7.68 -3.82 7.83
C ARG A 34 9.05 -4.35 8.23
N PHE A 35 9.10 -5.42 9.02
CA PHE A 35 10.38 -6.02 9.37
C PHE A 35 11.02 -6.73 8.18
N GLU A 36 10.22 -7.42 7.38
CA GLU A 36 10.77 -8.04 6.17
C GLU A 36 11.36 -7.00 5.23
N GLN A 37 10.65 -5.88 5.02
CA GLN A 37 11.11 -4.93 4.01
CA GLN A 37 11.08 -4.89 4.03
C GLN A 37 12.39 -4.22 4.44
N LYS A 38 12.65 -4.16 5.75
CA LYS A 38 13.86 -3.54 6.29
C LYS A 38 15.10 -4.40 6.11
N GLY A 39 14.92 -5.71 5.89
CA GLY A 39 16.05 -6.61 5.74
C GLY A 39 16.25 -7.52 6.93
N PHE A 40 15.41 -7.42 7.96
CA PHE A 40 15.57 -8.30 9.10
C PHE A 40 15.07 -9.70 8.76
N LYS A 41 15.72 -10.70 9.38
CA LYS A 41 15.48 -12.11 9.07
C LYS A 41 14.57 -12.73 10.12
N LEU A 42 13.46 -13.32 9.67
CA LEU A 42 12.54 -13.97 10.59
C LEU A 42 13.11 -15.33 11.01
N VAL A 43 13.38 -15.49 12.31
CA VAL A 43 13.98 -16.71 12.85
C VAL A 43 12.91 -17.60 13.46
N ALA A 44 11.85 -17.00 14.02
CA ALA A 44 10.84 -17.78 14.72
C ALA A 44 9.56 -16.98 14.73
N LEU A 45 8.43 -17.71 14.77
CA LEU A 45 7.12 -17.06 14.71
C LEU A 45 6.08 -18.06 15.18
N LYS A 46 5.16 -17.61 16.03
CA LYS A 46 4.03 -18.48 16.37
C LYS A 46 2.90 -17.63 16.91
N LEU A 47 1.68 -18.10 16.69
CA LEU A 47 0.52 -17.49 17.33
C LEU A 47 0.20 -18.30 18.59
N ILE A 48 0.21 -17.64 19.73
CA ILE A 48 -0.04 -18.34 21.00
CA ILE A 48 0.02 -18.31 21.01
C ILE A 48 -0.87 -17.45 21.88
N THR A 49 -1.65 -18.10 22.76
CA THR A 49 -2.41 -17.35 23.76
C THR A 49 -1.63 -17.53 25.05
N PRO A 50 -0.87 -16.51 25.50
CA PRO A 50 0.06 -16.70 26.62
C PRO A 50 -0.64 -17.12 27.90
N SER A 51 -0.02 -18.04 28.60
CA SER A 51 -0.49 -18.37 29.93
C SER A 51 -0.12 -17.26 30.92
N ALA A 52 -0.81 -17.30 32.06
CA ALA A 52 -0.50 -16.38 33.13
C ALA A 52 0.97 -16.48 33.54
N ASP A 53 1.49 -17.70 33.66
CA ASP A 53 2.88 -17.88 34.04
C ASP A 53 3.81 -17.21 33.03
N LEU A 54 3.59 -17.44 31.73
CA LEU A 54 4.44 -16.81 30.72
C LEU A 54 4.33 -15.30 30.79
N ALA A 55 3.12 -14.76 30.92
CA ALA A 55 2.96 -13.30 30.92
C ALA A 55 3.60 -12.67 32.15
N LYS A 56 3.49 -13.32 33.32
CA LYS A 56 4.14 -12.81 34.51
C LYS A 56 5.66 -12.83 34.37
N LYS A 57 6.20 -13.89 33.78
CA LYS A 57 7.65 -13.94 33.59
C LYS A 57 8.10 -12.92 32.55
N HIS A 58 7.31 -12.74 31.50
CA HIS A 58 7.66 -11.75 30.49
C HIS A 58 7.77 -10.37 31.11
N TYR A 59 6.81 -10.01 31.97
CA TYR A 59 6.79 -8.70 32.60
C TYR A 59 7.43 -8.69 33.99
N ALA A 60 8.36 -9.60 34.25
CA ALA A 60 8.87 -9.78 35.61
C ALA A 60 9.48 -8.49 36.17
N GLU A 61 10.04 -7.64 35.31
CA GLU A 61 10.67 -6.41 35.79
C GLU A 61 9.65 -5.51 36.49
N HIS A 62 8.37 -5.68 36.18
CA HIS A 62 7.31 -4.86 36.72
C HIS A 62 6.55 -5.54 37.86
N ASP A 63 6.99 -6.72 38.28
CA ASP A 63 6.26 -7.45 39.31
C ASP A 63 6.19 -6.64 40.60
N GLY A 64 5.00 -6.57 41.18
CA GLY A 64 4.81 -5.80 42.39
C GLY A 64 4.48 -4.34 42.18
N LYS A 65 4.47 -3.83 40.85
CA LYS A 65 4.07 -2.47 40.52
C LYS A 65 2.56 -2.42 40.29
N PRO A 66 1.92 -1.26 40.48
CA PRO A 66 0.45 -1.21 40.39
C PRO A 66 -0.13 -1.61 39.03
N PHE A 67 0.64 -1.46 37.95
CA PHE A 67 0.13 -1.75 36.61
C PHE A 67 0.47 -3.15 36.14
N PHE A 68 1.15 -3.94 36.96
CA PHE A 68 1.61 -5.27 36.54
C PHE A 68 0.43 -6.18 36.24
N ASN A 69 -0.56 -6.25 37.13
CA ASN A 69 -1.67 -7.16 36.92
C ASN A 69 -2.39 -6.86 35.61
N GLY A 70 -2.56 -5.57 35.29
CA GLY A 70 -3.23 -5.20 34.05
C GLY A 70 -2.46 -5.60 32.80
N LEU A 71 -1.13 -5.43 32.82
CA LEU A 71 -0.31 -5.88 31.69
C LEU A 71 -0.45 -7.39 31.49
N VAL A 72 -0.38 -8.15 32.58
CA VAL A 72 -0.50 -9.61 32.50
C VAL A 72 -1.88 -10.01 32.00
N GLU A 73 -2.92 -9.40 32.57
CA GLU A 73 -4.27 -9.76 32.18
C GLU A 73 -4.50 -9.46 30.69
N PHE A 74 -3.99 -8.33 30.22
CA PHE A 74 -4.20 -8.04 28.81
C PHE A 74 -3.45 -9.01 27.92
N LEU A 75 -2.18 -9.31 28.24
CA LEU A 75 -1.39 -10.17 27.37
C LEU A 75 -1.98 -11.57 27.29
N THR A 76 -2.65 -12.03 28.35
CA THR A 76 -3.23 -13.35 28.36
C THR A 76 -4.65 -13.37 27.80
N SER A 77 -5.16 -12.23 27.34
CA SER A 77 -6.58 -12.17 27.03
C SER A 77 -6.92 -12.77 25.68
N GLY A 78 -5.95 -12.89 24.78
CA GLY A 78 -6.22 -13.39 23.46
C GLY A 78 -4.93 -13.78 22.80
N PRO A 79 -5.00 -14.21 21.54
CA PRO A 79 -3.77 -14.64 20.84
CA PRO A 79 -3.79 -14.64 20.82
C PRO A 79 -2.80 -13.49 20.62
N VAL A 80 -1.53 -13.85 20.60
CA VAL A 80 -0.37 -12.97 20.43
C VAL A 80 0.50 -13.60 19.34
N ALA A 81 0.99 -12.77 18.41
CA ALA A 81 1.97 -13.24 17.43
C ALA A 81 3.36 -12.96 17.98
N ALA A 82 4.05 -14.02 18.44
CA ALA A 82 5.36 -13.90 19.03
C ALA A 82 6.40 -14.25 17.98
N MET A 83 7.53 -13.55 17.95
CA MET A 83 8.47 -13.79 16.87
C MET A 83 9.86 -13.31 17.24
N VAL A 84 10.85 -13.78 16.47
CA VAL A 84 12.25 -13.44 16.67
C VAL A 84 12.80 -12.95 15.34
N TRP A 85 13.44 -11.77 15.35
CA TRP A 85 14.06 -11.18 14.16
C TRP A 85 15.56 -11.06 14.37
N GLU A 86 16.32 -11.29 13.29
CA GLU A 86 17.77 -11.25 13.36
C GLU A 86 18.34 -10.21 12.40
N GLY A 87 19.36 -9.49 12.85
CA GLY A 87 20.12 -8.64 11.96
C GLY A 87 20.97 -7.66 12.74
N LYS A 88 21.85 -6.97 12.02
CA LYS A 88 22.70 -5.97 12.65
C LYS A 88 21.83 -4.89 13.30
N GLY A 89 22.08 -4.62 14.58
CA GLY A 89 21.38 -3.54 15.25
C GLY A 89 19.89 -3.76 15.41
N VAL A 90 19.42 -5.00 15.32
CA VAL A 90 17.98 -5.26 15.29
C VAL A 90 17.27 -4.82 16.58
N VAL A 91 17.92 -4.95 17.75
CA VAL A 91 17.22 -4.56 18.97
C VAL A 91 16.87 -3.08 18.95
N ALA A 92 17.88 -2.22 18.76
CA ALA A 92 17.62 -0.77 18.76
C ALA A 92 16.78 -0.36 17.56
N ALA A 93 17.00 -0.97 16.39
CA ALA A 93 16.22 -0.61 15.21
C ALA A 93 14.75 -0.96 15.38
N ALA A 94 14.44 -2.12 15.98
CA ALA A 94 13.05 -2.47 16.19
C ALA A 94 12.39 -1.50 17.15
N ARG A 95 13.12 -1.07 18.19
CA ARG A 95 12.56 -0.07 19.10
CA ARG A 95 12.55 -0.08 19.10
C ARG A 95 12.23 1.22 18.36
N LYS A 96 13.11 1.64 17.45
CA LYS A 96 12.82 2.84 16.67
CA LYS A 96 12.82 2.85 16.68
C LYS A 96 11.62 2.64 15.75
N MET A 97 11.52 1.45 15.15
CA MET A 97 10.39 1.14 14.29
CA MET A 97 10.39 1.14 14.28
C MET A 97 9.08 1.16 15.06
N ILE A 98 9.13 0.71 16.32
CA ILE A 98 7.94 0.67 17.17
C ILE A 98 7.47 2.07 17.52
N GLY A 99 8.39 2.94 17.93
CA GLY A 99 8.05 4.29 18.36
C GLY A 99 8.20 4.46 19.86
N ALA A 100 7.50 5.47 20.38
CA ALA A 100 7.54 5.81 21.79
C ALA A 100 6.53 4.96 22.57
N THR A 101 6.67 4.97 23.89
CA THR A 101 5.70 4.25 24.73
C THR A 101 4.28 4.75 24.47
N LYS A 102 4.13 6.07 24.34
CA LYS A 102 2.84 6.70 24.04
C LYS A 102 2.65 6.70 22.53
N PRO A 103 1.67 5.98 21.98
CA PRO A 103 1.43 6.07 20.53
C PRO A 103 1.15 7.49 20.05
N LEU A 104 0.51 8.32 20.89
CA LEU A 104 0.18 9.68 20.45
C LEU A 104 1.42 10.52 20.25
N GLU A 105 2.54 10.18 20.90
CA GLU A 105 3.79 10.91 20.73
C GLU A 105 4.79 10.18 19.84
N SER A 106 4.36 9.11 19.20
CA SER A 106 5.20 8.36 18.29
CA SER A 106 5.19 8.36 18.29
C SER A 106 5.11 8.98 16.91
N ALA A 107 6.24 9.03 16.22
CA ALA A 107 6.31 9.72 14.94
C ALA A 107 5.51 8.98 13.87
N PRO A 108 4.86 9.71 12.97
CA PRO A 108 4.37 9.06 11.74
C PRO A 108 5.49 8.26 11.09
N GLY A 109 5.13 7.07 10.60
CA GLY A 109 6.09 6.13 10.06
C GLY A 109 6.46 5.02 11.02
N THR A 110 6.27 5.23 12.32
CA THR A 110 6.48 4.16 13.29
C THR A 110 5.21 3.34 13.40
N ILE A 111 5.34 2.15 13.97
CA ILE A 111 4.18 1.28 14.11
C ILE A 111 3.15 1.89 15.05
N ARG A 112 3.57 2.32 16.24
CA ARG A 112 2.60 2.93 17.16
C ARG A 112 2.12 4.27 16.62
N GLY A 113 3.01 5.03 15.99
CA GLY A 113 2.60 6.32 15.45
C GLY A 113 1.55 6.18 14.35
N ASP A 114 1.68 5.15 13.53
CA ASP A 114 0.73 5.00 12.43
C ASP A 114 -0.57 4.38 12.88
N PHE A 115 -0.52 3.47 13.88
CA PHE A 115 -1.66 2.61 14.14
C PHE A 115 -2.31 2.72 15.51
N ALA A 116 -1.78 3.47 16.46
CA ALA A 116 -2.30 3.35 17.82
C ALA A 116 -2.47 4.71 18.50
N ILE A 117 -3.20 4.67 19.62
CA ILE A 117 -3.54 5.86 20.40
C ILE A 117 -3.19 5.73 21.89
N ASP A 118 -3.52 4.60 22.51
CA ASP A 118 -3.45 4.47 23.96
C ASP A 118 -2.25 3.63 24.38
N VAL A 119 -1.59 4.01 25.48
CA VAL A 119 -0.45 3.23 25.99
C VAL A 119 -0.86 1.81 26.31
N GLY A 120 -2.05 1.62 26.88
CA GLY A 120 -2.50 0.28 27.19
C GLY A 120 -2.99 -0.53 26.01
N ARG A 121 -3.02 0.06 24.82
CA ARG A 121 -3.40 -0.61 23.57
C ARG A 121 -2.37 -0.21 22.51
N ASN A 122 -1.09 -0.48 22.81
CA ASN A 122 0.00 0.03 21.98
C ASN A 122 0.64 -1.05 21.12
N ILE A 123 -0.14 -2.11 20.84
CA ILE A 123 0.03 -3.00 19.68
CA ILE A 123 0.05 -2.99 19.67
C ILE A 123 1.19 -4.00 19.76
N ILE A 124 2.36 -3.57 20.23
CA ILE A 124 3.58 -4.33 20.00
C ILE A 124 4.52 -4.18 21.18
N HIS A 125 5.22 -5.26 21.50
CA HIS A 125 6.35 -5.26 22.42
C HIS A 125 7.62 -5.59 21.65
N GLY A 126 8.69 -4.85 21.92
CA GLY A 126 10.03 -5.24 21.48
C GLY A 126 11.01 -5.18 22.62
N SER A 127 11.96 -6.12 22.63
CA SER A 127 12.95 -6.14 23.72
C SER A 127 13.67 -4.79 23.81
N ASP A 128 14.01 -4.39 25.04
CA ASP A 128 14.61 -3.07 25.20
C ASP A 128 16.13 -3.07 25.13
N ALA A 129 16.77 -4.24 25.06
CA ALA A 129 18.23 -4.31 25.11
C ALA A 129 18.64 -5.69 24.61
N VAL A 130 19.93 -5.83 24.32
CA VAL A 130 20.42 -7.15 23.88
C VAL A 130 20.19 -8.21 24.95
N GLU A 131 20.46 -7.87 26.21
CA GLU A 131 20.33 -8.86 27.26
C GLU A 131 18.88 -9.26 27.50
N THR A 132 17.97 -8.29 27.52
CA THR A 132 16.56 -8.64 27.70
C THR A 132 16.02 -9.37 26.48
N ALA A 133 16.54 -9.07 25.29
CA ALA A 133 16.14 -9.84 24.11
C ALA A 133 16.55 -11.30 24.28
N GLN A 134 17.78 -11.55 24.73
CA GLN A 134 18.18 -12.94 24.92
C GLN A 134 17.29 -13.64 25.92
N ARG A 135 16.95 -12.95 27.02
CA ARG A 135 16.06 -13.57 28.00
C ARG A 135 14.67 -13.83 27.42
N GLU A 136 14.13 -12.87 26.69
CA GLU A 136 12.78 -13.02 26.17
C GLU A 136 12.68 -14.09 25.09
N ILE A 137 13.67 -14.13 24.19
CA ILE A 137 13.67 -15.18 23.17
C ILE A 137 13.66 -16.55 23.83
N ALA A 138 14.52 -16.73 24.83
CA ALA A 138 14.60 -18.03 25.48
C ALA A 138 13.34 -18.34 26.29
N LEU A 139 12.70 -17.32 26.85
CA LEU A 139 11.45 -17.51 27.60
C LEU A 139 10.32 -17.97 26.68
N TRP A 140 10.21 -17.35 25.51
CA TRP A 140 9.05 -17.62 24.66
C TRP A 140 9.28 -18.81 23.73
N PHE A 141 10.53 -19.11 23.38
CA PHE A 141 10.80 -20.09 22.33
C PHE A 141 11.79 -21.11 22.81
N GLN A 142 11.45 -22.38 22.61
CA GLN A 142 12.47 -23.39 22.77
C GLN A 142 13.45 -23.31 21.62
N ASP A 143 14.68 -23.79 21.85
CA ASP A 143 15.68 -23.75 20.78
C ASP A 143 15.19 -24.43 19.50
N SER A 144 14.41 -25.51 19.64
CA SER A 144 13.94 -26.24 18.45
C SER A 144 12.96 -25.42 17.60
N GLU A 145 12.46 -24.30 18.11
CA GLU A 145 11.56 -23.45 17.33
C GLU A 145 12.30 -22.39 16.55
N LEU A 146 13.63 -22.27 16.72
CA LEU A 146 14.41 -21.25 16.03
C LEU A 146 14.88 -21.86 14.72
N ASN A 147 14.67 -21.13 13.64
CA ASN A 147 14.99 -21.63 12.31
C ASN A 147 16.35 -21.10 11.89
N GLU A 148 17.22 -22.01 11.48
CA GLU A 148 18.56 -21.69 11.00
C GLU A 148 18.52 -21.64 9.48
N TRP A 149 18.70 -20.45 8.92
CA TRP A 149 18.63 -20.35 7.47
C TRP A 149 19.40 -19.15 6.99
N THR A 150 19.71 -19.16 5.69
CA THR A 150 20.51 -18.10 5.08
C THR A 150 19.70 -17.46 3.97
N PRO A 151 19.27 -16.20 4.13
CA PRO A 151 18.58 -15.50 3.04
C PRO A 151 19.51 -15.22 1.87
N THR A 152 19.10 -15.65 0.68
CA THR A 152 19.82 -15.29 -0.54
C THR A 152 20.03 -13.78 -0.65
N GLN A 153 19.03 -13.00 -0.22
CA GLN A 153 19.10 -11.54 -0.39
C GLN A 153 20.12 -10.89 0.53
N ASN A 154 20.74 -11.65 1.45
CA ASN A 154 21.73 -11.02 2.32
C ASN A 154 22.94 -10.50 1.57
N LYS A 155 23.20 -10.99 0.35
CA LYS A 155 24.22 -10.38 -0.50
C LYS A 155 23.95 -8.88 -0.66
N TRP A 156 22.69 -8.49 -0.65
CA TRP A 156 22.28 -7.11 -0.88
C TRP A 156 21.95 -6.38 0.40
N ILE A 157 21.72 -7.10 1.50
CA ILE A 157 21.45 -6.47 2.80
C ILE A 157 22.74 -6.09 3.48
N TYR A 158 23.75 -6.96 3.39
CA TYR A 158 25.00 -6.82 4.14
C TYR A 158 26.20 -6.73 3.21
N GLU A 159 27.13 -5.88 3.58
CA GLU A 159 28.38 -5.76 2.82
C GLU A 159 29.27 -6.93 3.17
N MET B 9 -21.00 -23.16 6.91
CA MET B 9 -20.48 -23.16 8.28
C MET B 9 -19.33 -22.16 8.41
N SER B 10 -19.51 -21.20 9.31
CA SER B 10 -18.50 -20.16 9.48
CA SER B 10 -18.52 -20.14 9.54
C SER B 10 -17.26 -20.62 10.23
N ASN B 11 -17.25 -21.84 10.77
CA ASN B 11 -16.06 -22.36 11.42
C ASN B 11 -15.23 -23.27 10.53
N GLU B 12 -15.51 -23.28 9.22
CA GLU B 12 -14.65 -24.02 8.32
C GLU B 12 -13.23 -23.50 8.41
N ARG B 13 -12.26 -24.40 8.24
CA ARG B 13 -10.85 -24.08 8.36
C ARG B 13 -10.08 -24.63 7.18
N THR B 14 -9.04 -23.90 6.79
CA THR B 14 -8.11 -24.38 5.78
C THR B 14 -6.68 -24.24 6.25
N PHE B 15 -5.82 -25.08 5.66
CA PHE B 15 -4.38 -25.01 5.90
C PHE B 15 -3.69 -24.23 4.78
N ILE B 16 -2.84 -23.28 5.17
CA ILE B 16 -2.05 -22.46 4.24
C ILE B 16 -0.59 -22.61 4.61
N ALA B 17 0.25 -22.86 3.63
CA ALA B 17 1.68 -22.85 3.85
C ALA B 17 2.31 -21.86 2.90
N LEU B 18 3.08 -20.92 3.45
CA LEU B 18 3.95 -20.07 2.64
C LEU B 18 5.27 -20.80 2.56
N LYS B 19 5.59 -21.26 1.35
CA LYS B 19 6.68 -22.19 1.10
CA LYS B 19 6.68 -22.18 1.09
C LYS B 19 8.01 -21.44 1.13
N PRO B 20 9.13 -22.15 1.00
CA PRO B 20 10.41 -21.46 1.18
C PRO B 20 10.65 -20.29 0.24
N ASP B 21 10.12 -20.35 -0.98
CA ASP B 21 10.24 -19.18 -1.84
C ASP B 21 9.52 -17.95 -1.28
N ALA B 22 8.36 -18.14 -0.67
CA ALA B 22 7.65 -17.00 -0.09
C ALA B 22 8.45 -16.37 1.04
N VAL B 23 9.07 -17.20 1.88
CA VAL B 23 9.82 -16.66 3.00
C VAL B 23 11.08 -15.96 2.51
N GLN B 24 11.83 -16.62 1.59
CA GLN B 24 13.04 -16.02 1.04
C GLN B 24 12.77 -14.71 0.32
N ARG B 25 11.62 -14.60 -0.33
CA ARG B 25 11.30 -13.41 -1.10
C ARG B 25 10.58 -12.35 -0.29
N GLY B 26 10.43 -12.52 1.02
CA GLY B 26 9.89 -11.43 1.81
C GLY B 26 8.40 -11.22 1.68
N LEU B 27 7.62 -12.28 1.51
CA LEU B 27 6.20 -12.18 1.22
C LEU B 27 5.32 -12.63 2.36
N VAL B 28 5.90 -12.92 3.54
CA VAL B 28 5.11 -13.50 4.62
C VAL B 28 4.05 -12.53 5.09
N GLY B 29 4.47 -11.33 5.48
CA GLY B 29 3.53 -10.36 6.01
C GLY B 29 2.54 -9.90 4.97
N THR B 30 2.99 -9.67 3.73
CA THR B 30 2.10 -9.24 2.66
CA THR B 30 2.05 -9.20 2.73
C THR B 30 0.97 -10.23 2.45
N ILE B 31 1.30 -11.54 2.43
CA ILE B 31 0.26 -12.53 2.18
C ILE B 31 -0.66 -12.69 3.39
N ILE B 32 -0.10 -12.72 4.61
CA ILE B 32 -0.96 -12.80 5.79
C ILE B 32 -1.96 -11.66 5.80
N ALA B 33 -1.52 -10.44 5.45
CA ALA B 33 -2.40 -9.28 5.46
C ALA B 33 -3.58 -9.45 4.49
N ARG B 34 -3.38 -10.14 3.38
CA ARG B 34 -4.50 -10.38 2.46
C ARG B 34 -5.57 -11.22 3.10
N PHE B 35 -5.19 -12.23 3.90
CA PHE B 35 -6.19 -13.03 4.58
C PHE B 35 -6.85 -12.26 5.69
N GLU B 36 -6.10 -11.46 6.43
CA GLU B 36 -6.71 -10.63 7.48
C GLU B 36 -7.69 -9.64 6.89
N GLN B 37 -7.33 -8.96 5.80
CA GLN B 37 -8.20 -7.93 5.24
CA GLN B 37 -8.21 -7.93 5.27
C GLN B 37 -9.50 -8.52 4.70
N LYS B 38 -9.47 -9.80 4.30
CA LYS B 38 -10.63 -10.50 3.77
C LYS B 38 -11.65 -10.82 4.88
N GLY B 39 -11.22 -10.85 6.14
CA GLY B 39 -12.10 -11.20 7.26
C GLY B 39 -11.89 -12.60 7.80
N PHE B 40 -10.92 -13.35 7.25
CA PHE B 40 -10.65 -14.68 7.78
C PHE B 40 -9.90 -14.57 9.09
N LYS B 41 -10.09 -15.59 9.94
CA LYS B 41 -9.58 -15.57 11.31
C LYS B 41 -8.35 -16.46 11.42
N LEU B 42 -7.23 -15.91 11.90
CA LEU B 42 -6.02 -16.68 12.07
C LEU B 42 -6.15 -17.55 13.32
N VAL B 43 -6.14 -18.87 13.16
CA VAL B 43 -6.28 -19.81 14.27
C VAL B 43 -4.92 -20.31 14.76
N ALA B 44 -3.97 -20.44 13.84
CA ALA B 44 -2.66 -20.98 14.20
C ALA B 44 -1.67 -20.45 13.19
N LEU B 45 -0.40 -20.37 13.61
CA LEU B 45 0.66 -19.85 12.77
C LEU B 45 1.98 -20.26 13.37
N LYS B 46 2.90 -20.71 12.51
CA LYS B 46 4.24 -20.94 12.99
C LYS B 46 5.23 -20.95 11.84
N LEU B 47 6.46 -20.60 12.14
CA LEU B 47 7.55 -20.73 11.17
C LEU B 47 8.32 -21.99 11.52
N ILE B 48 8.36 -22.93 10.59
CA ILE B 48 9.06 -24.18 10.82
CA ILE B 48 8.95 -24.24 10.80
C ILE B 48 9.77 -24.62 9.57
N THR B 49 10.89 -25.29 9.76
CA THR B 49 11.59 -25.90 8.64
C THR B 49 11.19 -27.37 8.62
N PRO B 50 10.34 -27.79 7.68
CA PRO B 50 9.76 -29.15 7.76
C PRO B 50 10.82 -30.23 7.74
N SER B 51 10.61 -31.26 8.55
CA SER B 51 11.45 -32.45 8.44
C SER B 51 11.14 -33.17 7.13
N ALA B 52 12.08 -34.03 6.73
CA ALA B 52 11.84 -34.83 5.55
C ALA B 52 10.59 -35.68 5.71
N ASP B 53 10.39 -36.28 6.90
CA ASP B 53 9.21 -37.09 7.11
C ASP B 53 7.92 -36.28 7.04
N LEU B 54 7.90 -35.07 7.60
CA LEU B 54 6.70 -34.22 7.49
C LEU B 54 6.42 -33.87 6.03
N ALA B 55 7.44 -33.46 5.29
CA ALA B 55 7.23 -33.14 3.88
C ALA B 55 6.71 -34.34 3.10
N LYS B 56 7.22 -35.54 3.39
CA LYS B 56 6.74 -36.74 2.69
C LYS B 56 5.29 -37.04 3.02
N LYS B 57 4.89 -36.87 4.30
CA LYS B 57 3.49 -37.04 4.67
C LYS B 57 2.63 -35.97 4.02
N HIS B 58 3.13 -34.74 3.94
CA HIS B 58 2.36 -33.70 3.28
C HIS B 58 2.10 -34.05 1.82
N TYR B 59 3.10 -34.62 1.13
CA TYR B 59 3.03 -34.95 -0.29
C TYR B 59 2.75 -36.43 -0.55
N ALA B 60 2.18 -37.16 0.42
CA ALA B 60 2.12 -38.62 0.33
C ALA B 60 1.35 -39.11 -0.90
N GLU B 61 0.37 -38.35 -1.36
CA GLU B 61 -0.39 -38.72 -2.55
CA GLU B 61 -0.36 -38.78 -2.54
C GLU B 61 0.49 -38.85 -3.80
N HIS B 62 1.68 -38.21 -3.81
CA HIS B 62 2.57 -38.26 -4.95
C HIS B 62 3.71 -39.26 -4.79
N ASP B 63 3.76 -39.98 -3.67
CA ASP B 63 4.81 -40.97 -3.50
C ASP B 63 4.79 -41.96 -4.64
N GLY B 64 5.98 -42.31 -5.14
CA GLY B 64 6.10 -43.20 -6.27
C GLY B 64 6.11 -42.51 -7.62
N LYS B 65 5.87 -41.21 -7.66
CA LYS B 65 5.96 -40.39 -8.85
C LYS B 65 7.30 -39.68 -8.86
N PRO B 66 7.91 -39.49 -10.03
CA PRO B 66 9.29 -38.99 -10.06
C PRO B 66 9.44 -37.62 -9.45
N PHE B 67 8.38 -36.81 -9.48
CA PHE B 67 8.48 -35.44 -8.99
C PHE B 67 8.26 -35.35 -7.47
N PHE B 68 7.93 -36.45 -6.80
CA PHE B 68 7.73 -36.42 -5.36
C PHE B 68 8.98 -35.96 -4.65
N ASN B 69 10.15 -36.50 -5.04
CA ASN B 69 11.35 -36.15 -4.30
CA ASN B 69 11.36 -36.15 -4.31
C ASN B 69 11.71 -34.67 -4.48
N GLY B 70 11.45 -34.11 -5.66
CA GLY B 70 11.69 -32.68 -5.87
C GLY B 70 10.79 -31.82 -5.02
N LEU B 71 9.51 -32.21 -4.87
CA LEU B 71 8.61 -31.46 -3.99
C LEU B 71 9.10 -31.51 -2.55
N VAL B 72 9.54 -32.69 -2.10
CA VAL B 72 9.98 -32.85 -0.72
C VAL B 72 11.24 -32.02 -0.48
N GLU B 73 12.21 -32.12 -1.41
CA GLU B 73 13.48 -31.39 -1.28
C GLU B 73 13.24 -29.89 -1.28
N PHE B 74 12.28 -29.42 -2.06
CA PHE B 74 12.02 -27.99 -2.05
C PHE B 74 11.39 -27.54 -0.74
N LEU B 75 10.40 -28.31 -0.25
CA LEU B 75 9.68 -27.89 0.94
C LEU B 75 10.58 -27.87 2.17
N THR B 76 11.61 -28.73 2.19
CA THR B 76 12.52 -28.74 3.33
C THR B 76 13.68 -27.76 3.20
N SER B 77 13.74 -26.99 2.11
CA SER B 77 14.96 -26.23 1.75
C SER B 77 15.02 -24.86 2.40
N GLY B 78 14.01 -24.51 3.19
CA GLY B 78 14.07 -23.32 4.01
C GLY B 78 12.87 -23.29 4.91
N PRO B 79 12.70 -22.21 5.67
CA PRO B 79 11.54 -22.13 6.56
C PRO B 79 10.26 -21.96 5.78
N VAL B 80 9.17 -22.40 6.41
CA VAL B 80 7.81 -22.39 5.88
C VAL B 80 6.93 -21.70 6.92
N ALA B 81 6.09 -20.76 6.48
CA ALA B 81 5.10 -20.19 7.40
C ALA B 81 3.82 -20.99 7.25
N ALA B 82 3.55 -21.84 8.22
CA ALA B 82 2.38 -22.71 8.22
C ALA B 82 1.30 -22.05 9.06
N MET B 83 0.04 -22.15 8.63
CA MET B 83 -1.01 -21.45 9.34
C MET B 83 -2.36 -22.07 9.05
N VAL B 84 -3.34 -21.69 9.89
CA VAL B 84 -4.72 -22.16 9.77
C VAL B 84 -5.61 -20.94 9.78
N TRP B 85 -6.52 -20.86 8.80
CA TRP B 85 -7.46 -19.75 8.72
C TRP B 85 -8.87 -20.31 8.83
N GLU B 86 -9.75 -19.54 9.47
CA GLU B 86 -11.12 -19.96 9.69
C GLU B 86 -12.11 -18.95 9.11
N GLY B 87 -13.17 -19.47 8.50
CA GLY B 87 -14.30 -18.62 8.13
C GLY B 87 -15.18 -19.32 7.13
N LYS B 88 -16.32 -18.70 6.86
CA LYS B 88 -17.24 -19.29 5.88
CA LYS B 88 -17.25 -19.26 5.87
C LYS B 88 -16.55 -19.42 4.52
N GLY B 89 -16.63 -20.61 3.94
CA GLY B 89 -16.09 -20.82 2.60
C GLY B 89 -14.59 -20.64 2.49
N VAL B 90 -13.85 -20.73 3.59
CA VAL B 90 -12.43 -20.37 3.56
C VAL B 90 -11.62 -21.28 2.66
N VAL B 91 -11.95 -22.58 2.56
CA VAL B 91 -11.12 -23.45 1.72
C VAL B 91 -11.17 -22.99 0.27
N ALA B 92 -12.37 -22.83 -0.28
CA ALA B 92 -12.49 -22.42 -1.68
C ALA B 92 -12.03 -20.99 -1.87
N ALA B 93 -12.29 -20.11 -0.89
CA ALA B 93 -11.90 -18.72 -1.06
C ALA B 93 -10.39 -18.59 -1.07
N ALA B 94 -9.70 -19.35 -0.20
CA ALA B 94 -8.24 -19.27 -0.22
C ALA B 94 -7.68 -19.75 -1.54
N ARG B 95 -8.28 -20.78 -2.13
CA ARG B 95 -7.80 -21.24 -3.44
C ARG B 95 -8.02 -20.16 -4.49
N LYS B 96 -9.14 -19.44 -4.45
CA LYS B 96 -9.37 -18.34 -5.38
C LYS B 96 -8.36 -17.22 -5.16
N MET B 97 -8.05 -16.93 -3.90
CA MET B 97 -7.06 -15.88 -3.59
C MET B 97 -5.66 -16.25 -4.05
N ILE B 98 -5.32 -17.54 -4.03
CA ILE B 98 -4.03 -18.02 -4.45
C ILE B 98 -3.88 -17.92 -5.95
N GLY B 99 -4.90 -18.31 -6.70
CA GLY B 99 -4.85 -18.27 -8.13
C GLY B 99 -4.81 -19.65 -8.76
N ALA B 100 -4.30 -19.70 -9.97
CA ALA B 100 -4.28 -20.92 -10.74
C ALA B 100 -3.03 -21.72 -10.39
N THR B 101 -3.03 -22.99 -10.79
CA THR B 101 -1.86 -23.83 -10.59
C THR B 101 -0.61 -23.21 -11.23
N LYS B 102 -0.76 -22.70 -12.45
CA LYS B 102 0.34 -22.02 -13.14
C LYS B 102 0.31 -20.53 -12.82
N PRO B 103 1.32 -19.98 -12.15
CA PRO B 103 1.30 -18.54 -11.87
C PRO B 103 1.14 -17.68 -13.10
N LEU B 104 1.67 -18.09 -14.26
CA LEU B 104 1.57 -17.24 -15.44
C LEU B 104 0.15 -17.15 -15.92
N GLU B 105 -0.68 -18.13 -15.57
CA GLU B 105 -2.10 -18.14 -15.92
C GLU B 105 -3.00 -17.64 -14.81
N SER B 106 -2.41 -17.15 -13.73
CA SER B 106 -3.20 -16.65 -12.60
CA SER B 106 -3.19 -16.65 -12.61
C SER B 106 -3.48 -15.17 -12.79
N ALA B 107 -4.69 -14.77 -12.43
CA ALA B 107 -5.10 -13.40 -12.71
C ALA B 107 -4.35 -12.38 -11.83
N PRO B 108 -4.10 -11.18 -12.35
CA PRO B 108 -3.66 -10.08 -11.48
C PRO B 108 -4.65 -9.96 -10.34
N GLY B 109 -4.14 -9.67 -9.14
CA GLY B 109 -4.95 -9.63 -7.94
C GLY B 109 -4.80 -10.88 -7.09
N THR B 110 -4.51 -12.02 -7.72
CA THR B 110 -4.26 -13.23 -6.95
C THR B 110 -2.81 -13.24 -6.45
N ILE B 111 -2.53 -14.10 -5.49
CA ILE B 111 -1.18 -14.15 -4.93
C ILE B 111 -0.20 -14.61 -6.00
N ARG B 112 -0.49 -15.74 -6.67
CA ARG B 112 0.43 -16.21 -7.71
C ARG B 112 0.43 -15.27 -8.90
N GLY B 113 -0.73 -14.69 -9.23
CA GLY B 113 -0.76 -13.75 -10.35
C GLY B 113 0.09 -12.52 -10.10
N ASP B 114 0.08 -12.01 -8.87
CA ASP B 114 0.85 -10.81 -8.56
C ASP B 114 2.33 -11.08 -8.39
N PHE B 115 2.70 -12.25 -7.88
CA PHE B 115 4.07 -12.45 -7.36
C PHE B 115 4.87 -13.58 -7.97
N ALA B 116 4.29 -14.46 -8.80
CA ALA B 116 5.03 -15.65 -9.21
C ALA B 116 5.00 -15.91 -10.71
N ILE B 117 5.92 -16.76 -11.14
CA ILE B 117 6.10 -17.11 -12.55
C ILE B 117 6.08 -18.62 -12.79
N ASP B 118 6.76 -19.40 -11.95
CA ASP B 118 7.05 -20.81 -12.19
CA ASP B 118 7.02 -20.81 -12.21
C ASP B 118 6.20 -21.71 -11.29
N VAL B 119 5.65 -22.82 -11.84
CA VAL B 119 4.88 -23.77 -11.03
CA VAL B 119 4.88 -23.75 -11.02
C VAL B 119 5.71 -24.29 -9.87
N GLY B 120 7.00 -24.54 -10.11
CA GLY B 120 7.88 -25.02 -9.08
C GLY B 120 8.33 -23.99 -8.08
N ARG B 121 7.95 -22.72 -8.28
CA ARG B 121 8.19 -21.65 -7.32
C ARG B 121 6.89 -20.87 -7.19
N ASN B 122 5.89 -21.56 -6.64
N ASN B 122 5.82 -21.52 -6.73
CA ASN B 122 4.50 -21.13 -6.69
CA ASN B 122 4.52 -20.88 -6.76
C ASN B 122 4.03 -20.50 -5.38
C ASN B 122 4.02 -20.44 -5.39
N ILE B 123 4.96 -20.20 -4.47
CA ILE B 123 4.76 -19.35 -3.29
CA ILE B 123 4.78 -19.38 -3.27
C ILE B 123 4.00 -20.00 -2.13
N ILE B 124 2.86 -20.62 -2.42
CA ILE B 124 1.89 -20.92 -1.38
C ILE B 124 1.18 -22.22 -1.71
N HIS B 125 0.77 -22.92 -0.65
CA HIS B 125 -0.15 -24.04 -0.74
C HIS B 125 -1.38 -23.69 0.08
N GLY B 126 -2.54 -24.03 -0.47
CA GLY B 126 -3.78 -24.06 0.29
C GLY B 126 -4.49 -25.37 0.06
N SER B 127 -5.17 -25.86 1.11
CA SER B 127 -5.86 -27.14 1.00
C SER B 127 -6.87 -27.10 -0.14
N ASP B 128 -7.05 -28.24 -0.81
CA ASP B 128 -7.95 -28.22 -1.97
C ASP B 128 -9.41 -28.52 -1.63
N ALA B 129 -9.70 -28.96 -0.42
CA ALA B 129 -11.04 -29.40 -0.07
C ALA B 129 -11.11 -29.41 1.45
N VAL B 130 -12.34 -29.43 1.97
CA VAL B 130 -12.53 -29.48 3.41
C VAL B 130 -11.86 -30.71 4.00
N GLU B 131 -12.02 -31.87 3.37
CA GLU B 131 -11.43 -33.10 3.93
C GLU B 131 -9.90 -33.06 3.93
N THR B 132 -9.28 -32.57 2.86
CA THR B 132 -7.82 -32.48 2.87
CA THR B 132 -7.82 -32.48 2.87
C THR B 132 -7.35 -31.41 3.84
N ALA B 133 -8.12 -30.32 4.01
CA ALA B 133 -7.78 -29.35 5.04
C ALA B 133 -7.75 -29.98 6.42
N GLN B 134 -8.75 -30.80 6.75
CA GLN B 134 -8.76 -31.46 8.05
C GLN B 134 -7.52 -32.32 8.23
N ARG B 135 -7.13 -33.08 7.19
CA ARG B 135 -5.93 -33.90 7.28
C ARG B 135 -4.69 -33.04 7.44
N GLU B 136 -4.59 -31.97 6.64
CA GLU B 136 -3.38 -31.16 6.64
C GLU B 136 -3.22 -30.38 7.93
N ILE B 137 -4.32 -29.85 8.47
CA ILE B 137 -4.23 -29.14 9.75
C ILE B 137 -3.72 -30.08 10.83
N ALA B 138 -4.30 -31.30 10.90
CA ALA B 138 -3.87 -32.26 11.91
C ALA B 138 -2.43 -32.71 11.71
N LEU B 139 -1.97 -32.78 10.46
CA LEU B 139 -0.58 -33.16 10.20
C LEU B 139 0.37 -32.07 10.69
N TRP B 140 0.07 -30.81 10.38
CA TRP B 140 1.02 -29.75 10.63
C TRP B 140 0.91 -29.14 12.01
N PHE B 141 -0.25 -29.25 12.67
CA PHE B 141 -0.46 -28.62 13.97
C PHE B 141 -0.98 -29.62 14.98
N GLN B 142 -0.40 -29.59 16.17
CA GLN B 142 -1.05 -30.27 17.29
C GLN B 142 -2.21 -29.42 17.77
N ASP B 143 -3.22 -30.08 18.36
CA ASP B 143 -4.43 -29.36 18.76
C ASP B 143 -4.12 -28.23 19.70
N SER B 144 -3.12 -28.41 20.56
CA SER B 144 -2.80 -27.37 21.52
C SER B 144 -2.15 -26.14 20.88
N GLU B 145 -1.82 -26.19 19.59
CA GLU B 145 -1.32 -25.03 18.87
C GLU B 145 -2.44 -24.20 18.25
N LEU B 146 -3.67 -24.67 18.32
CA LEU B 146 -4.79 -23.94 17.73
C LEU B 146 -5.31 -22.97 18.79
N ASN B 147 -5.54 -21.73 18.39
CA ASN B 147 -5.99 -20.72 19.33
C ASN B 147 -7.50 -20.55 19.21
N GLU B 148 -8.18 -20.64 20.35
CA GLU B 148 -9.62 -20.42 20.44
C GLU B 148 -9.86 -18.96 20.77
N TRP B 149 -10.45 -18.21 19.84
CA TRP B 149 -10.77 -16.82 20.13
C TRP B 149 -11.89 -16.34 19.24
N THR B 150 -12.46 -15.21 19.64
CA THR B 150 -13.61 -14.62 18.95
C THR B 150 -13.27 -13.20 18.52
N PRO B 151 -13.11 -12.95 17.23
CA PRO B 151 -12.88 -11.57 16.75
C PRO B 151 -14.10 -10.68 17.00
N THR B 152 -13.86 -9.55 17.65
CA THR B 152 -14.97 -8.62 17.85
C THR B 152 -15.49 -8.07 16.52
N GLN B 153 -14.64 -8.03 15.47
CA GLN B 153 -15.11 -7.54 14.18
C GLN B 153 -16.11 -8.47 13.51
N ASN B 154 -16.34 -9.66 14.06
CA ASN B 154 -17.22 -10.58 13.35
C ASN B 154 -18.64 -10.08 13.19
N LYS B 155 -19.12 -9.16 14.03
CA LYS B 155 -20.47 -8.68 13.78
C LYS B 155 -20.55 -7.85 12.52
N TRP B 156 -19.42 -7.38 11.98
CA TRP B 156 -19.39 -6.65 10.70
C TRP B 156 -18.98 -7.53 9.53
N ILE B 157 -18.47 -8.72 9.79
CA ILE B 157 -18.10 -9.62 8.72
CA ILE B 157 -18.05 -9.70 8.78
C ILE B 157 -19.20 -10.63 8.43
N TYR B 158 -19.93 -11.04 9.46
CA TYR B 158 -20.97 -12.05 9.31
C TYR B 158 -22.34 -11.50 9.65
N GLU B 159 -23.33 -11.92 8.87
CA GLU B 159 -24.69 -11.51 9.15
CA GLU B 159 -24.73 -11.58 9.06
C GLU B 159 -25.27 -12.42 10.22
N MET C 9 -20.87 11.71 -22.66
CA MET C 9 -20.95 10.40 -22.00
C MET C 9 -20.06 10.42 -20.76
N SER C 10 -19.08 11.32 -20.77
CA SER C 10 -18.14 11.41 -19.65
CA SER C 10 -18.15 11.37 -19.64
C SER C 10 -18.75 12.06 -18.43
N ASN C 11 -19.95 12.62 -18.51
CA ASN C 11 -20.60 13.18 -17.35
C ASN C 11 -21.54 12.21 -16.64
N GLU C 12 -21.53 10.91 -17.00
CA GLU C 12 -22.33 9.92 -16.29
C GLU C 12 -21.94 9.89 -14.82
N ARG C 13 -22.94 9.65 -13.96
CA ARG C 13 -22.74 9.62 -12.52
C ARG C 13 -23.32 8.36 -11.92
N THR C 14 -22.70 7.91 -10.83
CA THR C 14 -23.24 6.80 -10.05
C THR C 14 -23.25 7.16 -8.58
N PHE C 15 -24.12 6.45 -7.84
CA PHE C 15 -24.19 6.56 -6.38
C PHE C 15 -23.48 5.38 -5.75
N ILE C 16 -22.60 5.69 -4.80
CA ILE C 16 -21.88 4.69 -4.01
C ILE C 16 -22.17 4.93 -2.54
N ALA C 17 -22.55 3.88 -1.84
CA ALA C 17 -22.68 3.95 -0.40
C ALA C 17 -21.75 2.93 0.24
N LEU C 18 -20.89 3.40 1.14
CA LEU C 18 -20.08 2.50 1.96
C LEU C 18 -20.89 2.29 3.23
N LYS C 19 -21.37 1.07 3.42
CA LYS C 19 -22.42 0.75 4.38
C LYS C 19 -21.81 0.62 5.78
N PRO C 20 -22.64 0.41 6.82
CA PRO C 20 -22.08 0.50 8.18
C PRO C 20 -20.95 -0.46 8.46
N ASP C 21 -20.91 -1.62 7.79
CA ASP C 21 -19.76 -2.52 7.95
C ASP C 21 -18.48 -1.90 7.38
N ALA C 22 -18.57 -1.18 6.26
CA ALA C 22 -17.37 -0.56 5.72
C ALA C 22 -16.84 0.49 6.68
N VAL C 23 -17.74 1.25 7.29
CA VAL C 23 -17.30 2.32 8.19
C VAL C 23 -16.71 1.73 9.45
N GLN C 24 -17.40 0.74 10.05
CA GLN C 24 -16.91 0.11 11.28
C GLN C 24 -15.59 -0.61 11.04
N ARG C 25 -15.36 -1.13 9.83
CA ARG C 25 -14.13 -1.86 9.51
C ARG C 25 -13.02 -0.97 8.99
N GLY C 26 -13.22 0.35 8.98
CA GLY C 26 -12.11 1.23 8.60
C GLY C 26 -11.74 1.23 7.14
N LEU C 27 -12.70 1.05 6.25
CA LEU C 27 -12.47 0.89 4.82
C LEU C 27 -12.85 2.13 4.01
N VAL C 28 -13.23 3.24 4.64
CA VAL C 28 -13.74 4.39 3.90
C VAL C 28 -12.67 4.98 2.99
N GLY C 29 -11.52 5.32 3.56
CA GLY C 29 -10.49 5.93 2.74
C GLY C 29 -9.95 4.99 1.70
N THR C 30 -9.71 3.74 2.08
CA THR C 30 -9.17 2.76 1.14
CA THR C 30 -9.12 2.83 1.11
C THR C 30 -10.05 2.62 -0.09
N ILE C 31 -11.37 2.59 0.13
CA ILE C 31 -12.26 2.40 -1.02
C ILE C 31 -12.33 3.67 -1.85
N ILE C 32 -12.43 4.85 -1.20
CA ILE C 32 -12.44 6.10 -1.97
C ILE C 32 -11.21 6.21 -2.85
N ALA C 33 -10.05 5.82 -2.32
CA ALA C 33 -8.81 5.90 -3.09
C ALA C 33 -8.89 5.04 -4.34
N ARG C 34 -9.59 3.91 -4.30
CA ARG C 34 -9.66 3.09 -5.50
C ARG C 34 -10.42 3.82 -6.61
N PHE C 35 -11.45 4.58 -6.26
CA PHE C 35 -12.14 5.38 -7.26
C PHE C 35 -11.31 6.55 -7.73
N GLU C 36 -10.58 7.23 -6.81
CA GLU C 36 -9.75 8.34 -7.27
C GLU C 36 -8.67 7.85 -8.21
N GLN C 37 -8.03 6.72 -7.90
CA GLN C 37 -6.90 6.29 -8.71
CA GLN C 37 -6.90 6.26 -8.70
C GLN C 37 -7.32 5.86 -10.10
N LYS C 38 -8.59 5.46 -10.26
CA LYS C 38 -9.15 5.04 -11.54
C LYS C 38 -9.41 6.24 -12.45
N GLY C 39 -9.50 7.45 -11.91
CA GLY C 39 -9.81 8.63 -12.70
C GLY C 39 -11.22 9.13 -12.57
N PHE C 40 -12.04 8.51 -11.73
CA PHE C 40 -13.40 9.03 -11.55
C PHE C 40 -13.36 10.27 -10.67
N LYS C 41 -14.34 11.14 -10.89
CA LYS C 41 -14.41 12.45 -10.26
C LYS C 41 -15.41 12.44 -9.10
N LEU C 42 -14.94 12.83 -7.90
CA LEU C 42 -15.82 12.90 -6.74
C LEU C 42 -16.68 14.17 -6.83
N VAL C 43 -17.99 13.97 -6.96
CA VAL C 43 -18.94 15.10 -7.08
C VAL C 43 -19.55 15.46 -5.74
N ALA C 44 -19.76 14.46 -4.89
CA ALA C 44 -20.40 14.70 -3.60
C ALA C 44 -19.97 13.57 -2.67
N LEU C 45 -19.95 13.86 -1.37
CA LEU C 45 -19.51 12.89 -0.37
C LEU C 45 -20.00 13.38 0.99
N LYS C 46 -20.54 12.47 1.79
CA LYS C 46 -20.86 12.85 3.15
C LYS C 46 -20.96 11.60 4.01
N LEU C 47 -20.72 11.76 5.31
CA LEU C 47 -21.03 10.72 6.28
C LEU C 47 -22.39 11.02 6.88
N ILE C 48 -23.32 10.10 6.74
CA ILE C 48 -24.69 10.26 7.21
C ILE C 48 -25.15 8.98 7.88
N THR C 49 -25.95 9.09 8.93
CA THR C 49 -26.60 7.92 9.47
C THR C 49 -28.00 7.87 8.89
N PRO C 50 -28.28 6.96 7.97
CA PRO C 50 -29.60 6.98 7.30
C PRO C 50 -30.74 6.85 8.28
N SER C 51 -31.75 7.69 8.09
CA SER C 51 -32.98 7.53 8.86
C SER C 51 -33.78 6.35 8.33
N ALA C 52 -34.71 5.87 9.14
CA ALA C 52 -35.60 4.81 8.68
C ALA C 52 -36.29 5.22 7.39
N ASP C 53 -36.81 6.45 7.35
CA ASP C 53 -37.55 6.86 6.16
C ASP C 53 -36.66 6.87 4.92
N LEU C 54 -35.40 7.32 5.04
CA LEU C 54 -34.51 7.25 3.88
C LEU C 54 -34.21 5.81 3.48
N ALA C 55 -33.90 4.96 4.45
CA ALA C 55 -33.56 3.59 4.14
C ALA C 55 -34.72 2.85 3.46
N LYS C 56 -35.95 3.09 3.93
CA LYS C 56 -37.11 2.46 3.31
C LYS C 56 -37.29 2.93 1.87
N LYS C 57 -37.04 4.22 1.63
CA LYS C 57 -37.12 4.73 0.26
CA LYS C 57 -37.12 4.73 0.26
C LYS C 57 -35.98 4.18 -0.60
N HIS C 58 -34.79 4.10 -0.04
CA HIS C 58 -33.67 3.54 -0.79
C HIS C 58 -33.99 2.12 -1.24
N TYR C 59 -34.57 1.32 -0.36
CA TYR C 59 -34.87 -0.08 -0.62
C TYR C 59 -36.32 -0.31 -1.07
N ALA C 60 -36.98 0.72 -1.62
CA ALA C 60 -38.41 0.64 -1.91
C ALA C 60 -38.78 -0.53 -2.83
N GLU C 61 -37.91 -0.86 -3.79
CA GLU C 61 -38.25 -1.96 -4.69
C GLU C 61 -38.45 -3.30 -3.96
N HIS C 62 -37.97 -3.41 -2.72
CA HIS C 62 -38.08 -4.65 -1.94
C HIS C 62 -39.16 -4.58 -0.89
N ASP C 63 -39.94 -3.50 -0.87
CA ASP C 63 -41.01 -3.36 0.11
C ASP C 63 -41.90 -4.59 0.11
N GLY C 64 -42.11 -5.16 1.28
CA GLY C 64 -42.97 -6.31 1.43
C GLY C 64 -42.29 -7.64 1.30
N LYS C 65 -41.06 -7.67 0.84
CA LYS C 65 -40.35 -8.93 0.73
C LYS C 65 -39.76 -9.33 2.07
N PRO C 66 -39.54 -10.63 2.31
CA PRO C 66 -39.14 -11.06 3.67
C PRO C 66 -37.85 -10.44 4.16
N PHE C 67 -36.96 -10.04 3.26
CA PHE C 67 -35.64 -9.53 3.64
C PHE C 67 -35.59 -8.00 3.74
N PHE C 68 -36.69 -7.31 3.43
CA PHE C 68 -36.72 -5.85 3.44
C PHE C 68 -36.39 -5.30 4.83
N ASN C 69 -37.06 -5.78 5.87
CA ASN C 69 -36.83 -5.22 7.21
C ASN C 69 -35.37 -5.34 7.61
N GLY C 70 -34.74 -6.48 7.30
CA GLY C 70 -33.34 -6.66 7.67
C GLY C 70 -32.42 -5.69 6.94
N LEU C 71 -32.72 -5.40 5.67
CA LEU C 71 -31.93 -4.43 4.91
C LEU C 71 -32.04 -3.05 5.55
N VAL C 72 -33.25 -2.65 5.93
CA VAL C 72 -33.46 -1.33 6.55
C VAL C 72 -32.80 -1.27 7.92
N GLU C 73 -32.96 -2.33 8.72
CA GLU C 73 -32.35 -2.33 10.04
CA GLU C 73 -32.34 -2.37 10.04
C GLU C 73 -30.83 -2.24 9.95
N PHE C 74 -30.22 -2.94 8.99
CA PHE C 74 -28.77 -2.86 8.91
C PHE C 74 -28.29 -1.50 8.41
N LEU C 75 -28.95 -0.93 7.39
CA LEU C 75 -28.47 0.32 6.83
C LEU C 75 -28.59 1.47 7.82
N THR C 76 -29.55 1.39 8.74
CA THR C 76 -29.75 2.42 9.77
C THR C 76 -28.93 2.17 11.02
N SER C 77 -28.11 1.11 11.05
CA SER C 77 -27.43 0.70 12.29
C SER C 77 -26.10 1.39 12.50
N GLY C 78 -25.67 2.26 11.58
CA GLY C 78 -24.47 3.01 11.81
C GLY C 78 -24.31 4.02 10.70
N PRO C 79 -23.22 4.78 10.74
CA PRO C 79 -22.95 5.75 9.68
C PRO C 79 -22.66 5.06 8.36
N VAL C 80 -22.91 5.82 7.30
CA VAL C 80 -22.72 5.42 5.91
C VAL C 80 -21.95 6.53 5.20
N ALA C 81 -20.93 6.17 4.44
CA ALA C 81 -20.29 7.15 3.55
C ALA C 81 -20.99 7.12 2.20
N ALA C 82 -21.76 8.17 1.93
CA ALA C 82 -22.55 8.26 0.70
C ALA C 82 -21.82 9.20 -0.26
N MET C 83 -21.79 8.85 -1.55
CA MET C 83 -21.02 9.70 -2.46
C MET C 83 -21.50 9.53 -3.89
N VAL C 84 -21.09 10.49 -4.72
CA VAL C 84 -21.40 10.48 -6.15
C VAL C 84 -20.09 10.57 -6.94
N TRP C 85 -19.91 9.65 -7.90
CA TRP C 85 -18.71 9.64 -8.77
C TRP C 85 -19.16 9.91 -10.19
N GLU C 86 -18.34 10.66 -10.92
CA GLU C 86 -18.63 10.99 -12.31
C GLU C 86 -17.53 10.48 -13.24
N GLY C 87 -17.94 9.97 -14.37
CA GLY C 87 -17.00 9.71 -15.46
C GLY C 87 -17.62 8.79 -16.48
N LYS C 88 -16.91 8.61 -17.59
CA LYS C 88 -17.42 7.74 -18.65
C LYS C 88 -17.55 6.33 -18.12
N GLY C 89 -18.71 5.72 -18.35
CA GLY C 89 -18.95 4.34 -17.93
C GLY C 89 -18.91 4.09 -16.45
N VAL C 90 -19.06 5.13 -15.64
CA VAL C 90 -18.82 4.98 -14.19
C VAL C 90 -19.80 4.02 -13.53
N VAL C 91 -21.05 3.92 -14.01
CA VAL C 91 -22.01 3.03 -13.36
C VAL C 91 -21.55 1.59 -13.48
N ALA C 92 -21.31 1.15 -14.72
CA ALA C 92 -20.88 -0.24 -14.89
C ALA C 92 -19.48 -0.49 -14.34
N ALA C 93 -18.60 0.51 -14.44
CA ALA C 93 -17.24 0.34 -13.93
C ALA C 93 -17.24 0.18 -12.43
N ALA C 94 -18.03 1.00 -11.72
CA ALA C 94 -18.12 0.83 -10.27
C ALA C 94 -18.64 -0.54 -9.91
N ARG C 95 -19.65 -1.06 -10.66
CA ARG C 95 -20.15 -2.40 -10.38
C ARG C 95 -19.05 -3.44 -10.55
N LYS C 96 -18.22 -3.29 -11.60
CA LYS C 96 -17.12 -4.21 -11.81
C LYS C 96 -16.08 -4.12 -10.69
N MET C 97 -15.82 -2.90 -10.20
CA MET C 97 -14.89 -2.68 -9.11
CA MET C 97 -14.88 -2.69 -9.11
C MET C 97 -15.39 -3.28 -7.80
N ILE C 98 -16.72 -3.26 -7.60
CA ILE C 98 -17.32 -3.81 -6.38
C ILE C 98 -17.22 -5.32 -6.37
N GLY C 99 -17.50 -5.97 -7.50
CA GLY C 99 -17.47 -7.42 -7.64
C GLY C 99 -18.85 -8.04 -7.68
N ALA C 100 -18.90 -9.32 -7.33
CA ALA C 100 -20.11 -10.08 -7.48
C ALA C 100 -21.04 -9.83 -6.30
N THR C 101 -22.28 -10.26 -6.47
CA THR C 101 -23.22 -10.16 -5.37
C THR C 101 -22.71 -10.90 -4.14
N LYS C 102 -22.18 -12.10 -4.33
CA LYS C 102 -21.62 -12.88 -3.21
C LYS C 102 -20.14 -12.56 -3.07
N PRO C 103 -19.70 -12.02 -1.93
CA PRO C 103 -18.26 -11.73 -1.78
C PRO C 103 -17.38 -12.94 -2.00
N LEU C 104 -17.82 -14.13 -1.59
CA LEU C 104 -16.95 -15.30 -1.75
C LEU C 104 -16.73 -15.65 -3.20
N GLU C 105 -17.61 -15.19 -4.08
N GLU C 105 -17.62 -15.25 -4.10
CA GLU C 105 -17.53 -15.43 -5.52
CA GLU C 105 -17.42 -15.50 -5.53
C GLU C 105 -16.98 -14.23 -6.27
C GLU C 105 -16.90 -14.27 -6.27
N SER C 106 -16.49 -13.23 -5.54
CA SER C 106 -15.95 -12.01 -6.13
CA SER C 106 -15.95 -12.03 -6.13
C SER C 106 -14.45 -12.17 -6.30
N ALA C 107 -13.93 -11.70 -7.44
CA ALA C 107 -12.53 -11.95 -7.74
C ALA C 107 -11.59 -11.13 -6.84
N PRO C 108 -10.43 -11.68 -6.50
CA PRO C 108 -9.38 -10.84 -5.90
C PRO C 108 -9.15 -9.63 -6.78
N GLY C 109 -8.98 -8.48 -6.15
CA GLY C 109 -8.87 -7.21 -6.84
C GLY C 109 -10.13 -6.37 -6.77
N THR C 110 -11.29 -7.01 -6.63
CA THR C 110 -12.51 -6.26 -6.43
C THR C 110 -12.64 -5.91 -4.94
N ILE C 111 -13.52 -4.96 -4.65
CA ILE C 111 -13.71 -4.55 -3.26
C ILE C 111 -14.26 -5.72 -2.42
N ARG C 112 -15.34 -6.36 -2.89
CA ARG C 112 -15.87 -7.49 -2.11
C ARG C 112 -14.92 -8.66 -2.12
N GLY C 113 -14.25 -8.91 -3.24
CA GLY C 113 -13.30 -10.00 -3.29
C GLY C 113 -12.18 -9.82 -2.29
N ASP C 114 -11.67 -8.61 -2.15
CA ASP C 114 -10.55 -8.38 -1.25
C ASP C 114 -10.95 -8.34 0.21
N PHE C 115 -12.17 -7.86 0.51
CA PHE C 115 -12.50 -7.45 1.87
C PHE C 115 -13.70 -8.14 2.51
N ALA C 116 -14.50 -8.92 1.80
CA ALA C 116 -15.77 -9.38 2.39
C ALA C 116 -16.00 -10.86 2.17
N ILE C 117 -16.90 -11.40 3.00
CA ILE C 117 -17.25 -12.83 3.01
C ILE C 117 -18.74 -13.07 2.83
N ASP C 118 -19.58 -12.31 3.53
CA ASP C 118 -21.01 -12.58 3.64
CA ASP C 118 -21.01 -12.59 3.62
C ASP C 118 -21.83 -11.62 2.78
N VAL C 119 -22.85 -12.15 2.08
CA VAL C 119 -23.74 -11.29 1.29
CA VAL C 119 -23.72 -11.27 1.28
C VAL C 119 -24.36 -10.20 2.14
N GLY C 120 -24.72 -10.53 3.40
CA GLY C 120 -25.37 -9.56 4.27
C GLY C 120 -24.42 -8.56 4.94
N ARG C 121 -23.11 -8.71 4.66
CA ARG C 121 -22.06 -7.81 5.12
C ARG C 121 -21.14 -7.55 3.92
N ASN C 122 -21.72 -6.90 2.91
N ASN C 122 -21.69 -6.97 2.85
CA ASN C 122 -21.16 -6.81 1.57
CA ASN C 122 -20.92 -6.88 1.61
C ASN C 122 -20.49 -5.48 1.28
C ASN C 122 -20.45 -5.48 1.30
N ILE C 123 -20.29 -4.66 2.33
CA ILE C 123 -19.44 -3.46 2.34
CA ILE C 123 -19.42 -3.47 2.33
C ILE C 123 -20.00 -2.25 1.61
N ILE C 124 -20.54 -2.45 0.42
CA ILE C 124 -20.75 -1.33 -0.50
C ILE C 124 -21.98 -1.57 -1.35
N HIS C 125 -22.64 -0.48 -1.70
CA HIS C 125 -23.66 -0.48 -2.72
C HIS C 125 -23.24 0.46 -3.83
N GLY C 126 -23.40 0.03 -5.08
CA GLY C 126 -23.33 0.94 -6.21
C GLY C 126 -24.56 0.78 -7.07
N SER C 127 -24.98 1.89 -7.69
CA SER C 127 -26.17 1.85 -8.54
C SER C 127 -26.00 0.82 -9.66
N ASP C 128 -27.09 0.14 -10.01
CA ASP C 128 -26.93 -0.91 -11.03
C ASP C 128 -27.11 -0.45 -12.46
N ALA C 129 -27.53 0.80 -12.68
CA ALA C 129 -27.81 1.30 -14.02
C ALA C 129 -27.87 2.82 -13.98
N VAL C 130 -27.86 3.44 -15.16
CA VAL C 130 -27.92 4.91 -15.20
C VAL C 130 -29.20 5.42 -14.56
N GLU C 131 -30.32 4.76 -14.80
CA GLU C 131 -31.62 5.26 -14.33
C GLU C 131 -31.74 5.11 -12.82
N THR C 132 -31.27 3.98 -12.28
CA THR C 132 -31.26 3.83 -10.84
C THR C 132 -30.25 4.75 -10.18
N ALA C 133 -29.11 5.00 -10.81
CA ALA C 133 -28.19 5.99 -10.26
C ALA C 133 -28.85 7.35 -10.19
N GLN C 134 -29.59 7.74 -11.23
CA GLN C 134 -30.23 9.04 -11.20
C GLN C 134 -31.22 9.14 -10.04
N ARG C 135 -31.99 8.07 -9.81
CA ARG C 135 -32.93 8.05 -8.70
C ARG C 135 -32.20 8.10 -7.36
N GLU C 136 -31.16 7.28 -7.21
CA GLU C 136 -30.46 7.21 -5.92
C GLU C 136 -29.71 8.50 -5.61
N ILE C 137 -29.06 9.10 -6.60
CA ILE C 137 -28.37 10.37 -6.34
C ILE C 137 -29.37 11.43 -5.88
N ALA C 138 -30.53 11.53 -6.54
CA ALA C 138 -31.53 12.53 -6.17
C ALA C 138 -32.14 12.23 -4.80
N LEU C 139 -32.19 10.96 -4.40
CA LEU C 139 -32.75 10.62 -3.09
C LEU C 139 -31.79 10.97 -1.96
N TRP C 140 -30.49 10.72 -2.18
CA TRP C 140 -29.51 10.86 -1.12
C TRP C 140 -28.89 12.25 -1.06
N PHE C 141 -28.96 13.03 -2.15
CA PHE C 141 -28.30 14.34 -2.20
C PHE C 141 -29.22 15.39 -2.78
N GLN C 142 -29.36 16.51 -2.09
N GLN C 142 -29.34 16.52 -2.09
CA GLN C 142 -29.93 17.69 -2.74
CA GLN C 142 -29.89 17.71 -2.74
C GLN C 142 -28.96 18.19 -3.81
C GLN C 142 -28.95 18.18 -3.83
N ASP C 143 -29.50 18.88 -4.83
CA ASP C 143 -28.64 19.39 -5.90
C ASP C 143 -27.53 20.29 -5.36
N SER C 144 -27.82 21.06 -4.30
CA SER C 144 -26.84 21.94 -3.66
C SER C 144 -25.62 21.20 -3.14
N GLU C 145 -25.73 19.92 -2.91
CA GLU C 145 -24.61 19.14 -2.38
C GLU C 145 -23.67 18.68 -3.48
N LEU C 146 -24.04 18.83 -4.74
CA LEU C 146 -23.24 18.35 -5.85
C LEU C 146 -22.26 19.45 -6.25
N ASN C 147 -20.98 19.12 -6.24
CA ASN C 147 -19.96 20.13 -6.52
C ASN C 147 -19.65 20.14 -8.00
N GLU C 148 -19.69 21.34 -8.58
CA GLU C 148 -19.35 21.53 -9.99
C GLU C 148 -17.88 21.93 -10.06
N TRP C 149 -17.07 21.04 -10.63
CA TRP C 149 -15.65 21.35 -10.75
C TRP C 149 -15.05 20.57 -11.90
N THR C 150 -13.85 21.00 -12.29
CA THR C 150 -13.17 20.44 -13.44
C THR C 150 -11.79 19.97 -13.01
N PRO C 151 -11.54 18.65 -12.96
CA PRO C 151 -10.19 18.15 -12.64
C PRO C 151 -9.22 18.49 -13.75
N THR C 152 -8.10 19.13 -13.39
CA THR C 152 -7.08 19.42 -14.40
C THR C 152 -6.49 18.15 -14.98
N GLN C 153 -6.54 17.03 -14.25
CA GLN C 153 -5.99 15.78 -14.78
C GLN C 153 -6.84 15.20 -15.89
N ASN C 154 -8.02 15.75 -16.17
CA ASN C 154 -8.87 15.12 -17.18
C ASN C 154 -8.25 15.08 -18.56
N LYS C 155 -7.32 15.99 -18.89
CA LYS C 155 -6.72 15.83 -20.21
C LYS C 155 -5.88 14.58 -20.31
N TRP C 156 -5.50 13.97 -19.18
CA TRP C 156 -4.74 12.72 -19.22
C TRP C 156 -5.62 11.51 -19.00
N ILE C 157 -6.88 11.72 -18.62
CA ILE C 157 -7.79 10.61 -18.42
CA ILE C 157 -7.86 10.66 -18.38
C ILE C 157 -8.71 10.41 -19.61
N TYR C 158 -9.10 11.50 -20.29
CA TYR C 158 -10.03 11.41 -21.40
C TYR C 158 -9.38 11.84 -22.69
N GLU C 159 -9.66 11.10 -23.75
CA GLU C 159 -9.16 11.47 -25.06
C GLU C 159 -10.07 12.48 -25.73
N MET D 9 11.12 -20.52 -22.56
CA MET D 9 12.42 -19.86 -22.37
C MET D 9 12.35 -18.72 -21.35
N SER D 10 13.18 -18.81 -20.31
CA SER D 10 13.21 -17.80 -19.25
CA SER D 10 13.15 -17.78 -19.28
C SER D 10 13.83 -16.49 -19.70
N ASN D 11 14.49 -16.46 -20.86
CA ASN D 11 15.10 -15.23 -21.35
C ASN D 11 14.23 -14.48 -22.35
N GLU D 12 12.96 -14.88 -22.49
CA GLU D 12 12.02 -14.07 -23.27
C GLU D 12 11.99 -12.64 -22.76
N ARG D 13 11.84 -11.70 -23.69
CA ARG D 13 11.77 -10.28 -23.37
C ARG D 13 10.58 -9.61 -24.03
N THR D 14 10.08 -8.59 -23.35
CA THR D 14 9.01 -7.76 -23.89
C THR D 14 9.35 -6.29 -23.74
N PHE D 15 8.76 -5.47 -24.62
CA PHE D 15 8.86 -4.03 -24.56
C PHE D 15 7.63 -3.42 -23.89
N ILE D 16 7.88 -2.56 -22.91
CA ILE D 16 6.83 -1.82 -22.21
C ILE D 16 7.12 -0.33 -22.34
N ALA D 17 6.09 0.45 -22.69
CA ALA D 17 6.20 1.91 -22.68
C ALA D 17 5.11 2.46 -21.78
N LEU D 18 5.49 3.29 -20.82
CA LEU D 18 4.53 4.06 -20.03
C LEU D 18 4.38 5.40 -20.75
N LYS D 19 3.20 5.65 -21.26
CA LYS D 19 2.96 6.73 -22.22
C LYS D 19 2.82 8.05 -21.46
N PRO D 20 2.64 9.17 -22.17
CA PRO D 20 2.65 10.47 -21.47
C PRO D 20 1.57 10.60 -20.42
N ASP D 21 0.42 9.93 -20.58
CA ASP D 21 -0.58 9.92 -19.52
C ASP D 21 -0.06 9.26 -18.24
N ALA D 22 0.68 8.16 -18.36
CA ALA D 22 1.24 7.52 -17.17
C ALA D 22 2.23 8.45 -16.47
N VAL D 23 3.05 9.15 -17.24
CA VAL D 23 4.07 10.02 -16.65
C VAL D 23 3.40 11.22 -15.98
N GLN D 24 2.48 11.87 -16.69
CA GLN D 24 1.79 13.05 -16.15
C GLN D 24 0.96 12.70 -14.92
N ARG D 25 0.44 11.46 -14.83
CA ARG D 25 -0.39 11.04 -13.71
C ARG D 25 0.40 10.41 -12.58
N GLY D 26 1.74 10.40 -12.65
CA GLY D 26 2.52 9.92 -11.52
C GLY D 26 2.47 8.43 -11.30
N LEU D 27 2.40 7.66 -12.37
CA LEU D 27 2.24 6.21 -12.28
C LEU D 27 3.49 5.44 -12.64
N VAL D 28 4.62 6.11 -12.88
CA VAL D 28 5.80 5.40 -13.36
C VAL D 28 6.27 4.37 -12.32
N GLY D 29 6.51 4.83 -11.09
CA GLY D 29 7.04 3.90 -10.10
C GLY D 29 6.06 2.83 -9.71
N THR D 30 4.79 3.19 -9.55
CA THR D 30 3.73 2.22 -9.21
CA THR D 30 3.82 2.18 -9.16
C THR D 30 3.71 1.08 -10.21
N ILE D 31 3.80 1.41 -11.50
CA ILE D 31 3.72 0.38 -12.53
C ILE D 31 4.98 -0.47 -12.58
N ILE D 32 6.17 0.18 -12.53
CA ILE D 32 7.42 -0.58 -12.50
C ILE D 32 7.39 -1.58 -11.35
N ALA D 33 6.88 -1.14 -10.19
CA ALA D 33 6.87 -2.04 -9.01
C ALA D 33 6.02 -3.29 -9.25
N ARG D 34 4.96 -3.19 -10.05
CA ARG D 34 4.17 -4.40 -10.31
C ARG D 34 4.97 -5.42 -11.09
N PHE D 35 5.83 -4.96 -12.01
CA PHE D 35 6.67 -5.88 -12.75
C PHE D 35 7.77 -6.45 -11.89
N GLU D 36 8.35 -5.62 -10.99
CA GLU D 36 9.37 -6.13 -10.08
C GLU D 36 8.79 -7.17 -9.13
N GLN D 37 7.59 -6.93 -8.59
CA GLN D 37 7.05 -7.84 -7.59
CA GLN D 37 7.02 -7.84 -7.60
C GLN D 37 6.68 -9.18 -8.22
N LYS D 38 6.39 -9.20 -9.52
CA LYS D 38 6.03 -10.40 -10.26
C LYS D 38 7.24 -11.30 -10.45
N GLY D 39 8.45 -10.74 -10.40
CA GLY D 39 9.66 -11.52 -10.64
C GLY D 39 10.28 -11.27 -11.99
N PHE D 40 9.73 -10.36 -12.79
CA PHE D 40 10.35 -10.06 -14.07
C PHE D 40 11.59 -9.20 -13.85
N LYS D 41 12.54 -9.34 -14.77
CA LYS D 41 13.84 -8.70 -14.67
C LYS D 41 13.93 -7.48 -15.58
N LEU D 42 14.27 -6.34 -14.98
CA LEU D 42 14.45 -5.11 -15.75
C LEU D 42 15.78 -5.15 -16.49
N VAL D 43 15.73 -5.15 -17.82
CA VAL D 43 16.91 -5.19 -18.68
C VAL D 43 17.33 -3.80 -19.17
N ALA D 44 16.35 -2.92 -19.39
CA ALA D 44 16.65 -1.58 -19.92
C ALA D 44 15.52 -0.67 -19.51
N LEU D 45 15.84 0.62 -19.39
CA LEU D 45 14.86 1.61 -18.96
C LEU D 45 15.38 2.97 -19.36
N LYS D 46 14.51 3.82 -19.92
CA LYS D 46 14.89 5.21 -20.15
C LYS D 46 13.66 6.09 -20.28
N LEU D 47 13.78 7.35 -19.88
CA LEU D 47 12.74 8.33 -20.11
C LEU D 47 13.14 9.11 -21.35
N ILE D 48 12.28 9.11 -22.37
CA ILE D 48 12.57 9.79 -23.62
CA ILE D 48 12.56 9.73 -23.66
C ILE D 48 11.28 10.39 -24.15
N THR D 49 11.42 11.49 -24.87
CA THR D 49 10.27 12.09 -25.51
C THR D 49 10.34 11.68 -26.98
N PRO D 50 9.49 10.77 -27.45
CA PRO D 50 9.68 10.21 -28.79
C PRO D 50 9.47 11.23 -29.90
N SER D 51 10.32 11.13 -30.92
CA SER D 51 10.09 11.90 -32.15
C SER D 51 8.89 11.34 -32.90
N ALA D 52 8.33 12.14 -33.81
CA ALA D 52 7.25 11.65 -34.66
C ALA D 52 7.67 10.40 -35.42
N ASP D 53 8.90 10.38 -35.95
CA ASP D 53 9.33 9.20 -36.68
C ASP D 53 9.40 7.96 -35.80
N LEU D 54 9.94 8.08 -34.57
CA LEU D 54 9.92 6.93 -33.66
C LEU D 54 8.50 6.45 -33.40
N ALA D 55 7.59 7.39 -33.14
CA ALA D 55 6.20 7.01 -32.89
C ALA D 55 5.58 6.32 -34.10
N LYS D 56 5.84 6.84 -35.31
CA LYS D 56 5.28 6.23 -36.52
C LYS D 56 5.86 4.82 -36.73
N LYS D 57 7.15 4.63 -36.44
CA LYS D 57 7.74 3.30 -36.52
CA LYS D 57 7.74 3.30 -36.52
C LYS D 57 7.14 2.40 -35.46
N HIS D 58 6.94 2.91 -34.25
CA HIS D 58 6.37 2.06 -33.22
C HIS D 58 4.99 1.57 -33.64
N TYR D 59 4.16 2.50 -34.14
CA TYR D 59 2.81 2.20 -34.55
C TYR D 59 2.68 1.85 -36.03
N ALA D 60 3.73 1.29 -36.62
CA ALA D 60 3.76 1.09 -38.06
C ALA D 60 2.58 0.27 -38.57
N GLU D 61 2.12 -0.72 -37.79
CA GLU D 61 1.03 -1.58 -38.26
C GLU D 61 -0.27 -0.79 -38.44
N HIS D 62 -0.37 0.41 -37.87
CA HIS D 62 -1.59 1.18 -37.95
C HIS D 62 -1.54 2.32 -38.94
N ASP D 63 -0.42 2.53 -39.64
CA ASP D 63 -0.40 3.64 -40.59
C ASP D 63 -1.47 3.43 -41.64
N GLY D 64 -2.25 4.49 -41.91
CA GLY D 64 -3.36 4.43 -42.83
C GLY D 64 -4.71 4.36 -42.15
N LYS D 65 -4.72 4.04 -40.86
CA LYS D 65 -5.96 3.85 -40.16
C LYS D 65 -6.40 5.17 -39.55
N PRO D 66 -7.70 5.31 -39.24
CA PRO D 66 -8.22 6.64 -38.87
C PRO D 66 -7.73 7.13 -37.51
N PHE D 67 -7.19 6.26 -36.68
CA PHE D 67 -6.70 6.66 -35.38
C PHE D 67 -5.19 6.82 -35.33
N PHE D 68 -4.49 6.60 -36.45
CA PHE D 68 -3.02 6.60 -36.45
C PHE D 68 -2.48 7.95 -36.03
N ASN D 69 -2.97 9.03 -36.65
CA ASN D 69 -2.38 10.33 -36.36
C ASN D 69 -2.54 10.68 -34.89
N GLY D 70 -3.71 10.37 -34.32
CA GLY D 70 -3.90 10.62 -32.89
C GLY D 70 -2.96 9.82 -32.01
N LEU D 71 -2.69 8.57 -32.36
CA LEU D 71 -1.74 7.79 -31.58
C LEU D 71 -0.36 8.43 -31.60
N VAL D 72 0.06 8.87 -32.79
CA VAL D 72 1.39 9.43 -32.95
C VAL D 72 1.49 10.76 -32.22
N GLU D 73 0.49 11.62 -32.42
CA GLU D 73 0.48 12.91 -31.75
C GLU D 73 0.48 12.75 -30.24
N PHE D 74 -0.25 11.77 -29.72
CA PHE D 74 -0.27 11.60 -28.27
C PHE D 74 1.06 11.08 -27.75
N LEU D 75 1.65 10.11 -28.44
CA LEU D 75 2.87 9.51 -27.91
C LEU D 75 4.01 10.52 -27.85
N THR D 76 4.00 11.49 -28.76
CA THR D 76 5.04 12.49 -28.84
C THR D 76 4.76 13.69 -27.95
N SER D 77 3.67 13.69 -27.19
CA SER D 77 3.22 14.87 -26.48
C SER D 77 3.81 14.99 -25.08
N GLY D 78 4.64 14.05 -24.65
CA GLY D 78 5.30 14.19 -23.38
C GLY D 78 6.31 13.07 -23.26
N PRO D 79 6.97 12.99 -22.11
CA PRO D 79 7.94 11.92 -21.89
C PRO D 79 7.25 10.58 -21.81
N VAL D 80 8.03 9.56 -22.13
CA VAL D 80 7.62 8.15 -22.13
C VAL D 80 8.67 7.36 -21.40
N ALA D 81 8.25 6.52 -20.47
CA ALA D 81 9.18 5.60 -19.81
C ALA D 81 9.20 4.30 -20.61
N ALA D 82 10.28 4.07 -21.37
CA ALA D 82 10.45 2.90 -22.21
C ALA D 82 11.31 1.90 -21.46
N MET D 83 10.97 0.61 -21.56
CA MET D 83 11.74 -0.38 -20.80
C MET D 83 11.60 -1.76 -21.43
N VAL D 84 12.48 -2.66 -20.98
CA VAL D 84 12.51 -4.05 -21.43
C VAL D 84 12.49 -4.92 -20.20
N TRP D 85 11.56 -5.88 -20.18
CA TRP D 85 11.44 -6.84 -19.08
C TRP D 85 11.71 -8.24 -19.61
N GLU D 86 12.35 -9.05 -18.77
CA GLU D 86 12.75 -10.40 -19.14
C GLU D 86 12.18 -11.43 -18.18
N GLY D 87 11.70 -12.53 -18.73
CA GLY D 87 11.35 -13.69 -17.91
C GLY D 87 10.50 -14.65 -18.71
N LYS D 88 10.28 -15.82 -18.11
CA LYS D 88 9.43 -16.81 -18.76
C LYS D 88 8.03 -16.25 -19.00
N GLY D 89 7.55 -16.40 -20.24
CA GLY D 89 6.22 -15.97 -20.61
C GLY D 89 5.96 -14.49 -20.43
N VAL D 90 7.00 -13.66 -20.45
CA VAL D 90 6.80 -12.26 -20.09
C VAL D 90 5.94 -11.51 -21.09
N VAL D 91 6.01 -11.85 -22.38
CA VAL D 91 5.16 -11.14 -23.34
C VAL D 91 3.68 -11.31 -22.98
N ALA D 92 3.21 -12.55 -22.90
CA ALA D 92 1.78 -12.77 -22.61
C ALA D 92 1.44 -12.34 -21.19
N ALA D 93 2.35 -12.52 -20.24
CA ALA D 93 2.05 -12.15 -18.85
C ALA D 93 1.89 -10.65 -18.72
N ALA D 94 2.76 -9.89 -19.37
CA ALA D 94 2.60 -8.44 -19.33
C ALA D 94 1.27 -8.01 -19.93
N ARG D 95 0.84 -8.63 -21.03
CA ARG D 95 -0.46 -8.25 -21.60
CA ARG D 95 -0.46 -8.25 -21.59
C ARG D 95 -1.58 -8.52 -20.61
N LYS D 96 -1.50 -9.65 -19.89
CA LYS D 96 -2.49 -9.96 -18.86
C LYS D 96 -2.45 -8.92 -17.73
N MET D 97 -1.24 -8.49 -17.33
CA MET D 97 -1.10 -7.49 -16.26
C MET D 97 -1.65 -6.14 -16.68
N ILE D 98 -1.55 -5.82 -17.97
CA ILE D 98 -2.02 -4.55 -18.50
C ILE D 98 -3.55 -4.51 -18.55
N GLY D 99 -4.18 -5.57 -19.04
CA GLY D 99 -5.62 -5.59 -19.18
C GLY D 99 -6.03 -5.58 -20.64
N ALA D 100 -7.29 -5.24 -20.87
CA ALA D 100 -7.82 -5.16 -22.22
C ALA D 100 -7.48 -3.80 -22.83
N THR D 101 -7.69 -3.69 -24.15
CA THR D 101 -7.44 -2.40 -24.80
C THR D 101 -8.27 -1.29 -24.14
N LYS D 102 -9.53 -1.60 -23.85
CA LYS D 102 -10.41 -0.68 -23.14
C LYS D 102 -10.20 -0.81 -21.65
N PRO D 103 -9.74 0.23 -20.97
CA PRO D 103 -9.68 0.19 -19.51
C PRO D 103 -11.01 -0.15 -18.84
N LEU D 104 -12.14 0.32 -19.39
CA LEU D 104 -13.42 0.02 -18.76
C LEU D 104 -13.78 -1.46 -18.83
N GLU D 105 -13.16 -2.21 -19.74
CA GLU D 105 -13.36 -3.66 -19.85
C GLU D 105 -12.23 -4.43 -19.19
N SER D 106 -11.35 -3.76 -18.50
CA SER D 106 -10.22 -4.40 -17.86
C SER D 106 -10.55 -4.71 -16.41
N ALA D 107 -10.13 -5.89 -15.97
CA ALA D 107 -10.48 -6.34 -14.63
C ALA D 107 -9.77 -5.51 -13.55
N PRO D 108 -10.41 -5.33 -12.40
CA PRO D 108 -9.69 -4.80 -11.25
C PRO D 108 -8.49 -5.71 -10.99
N GLY D 109 -7.38 -5.08 -10.61
CA GLY D 109 -6.12 -5.77 -10.47
C GLY D 109 -5.17 -5.58 -11.64
N THR D 110 -5.69 -5.26 -12.81
CA THR D 110 -4.83 -4.98 -13.94
C THR D 110 -4.47 -3.50 -13.92
N ILE D 111 -3.46 -3.14 -14.68
CA ILE D 111 -3.01 -1.74 -14.69
C ILE D 111 -4.09 -0.82 -15.25
N ARG D 112 -4.65 -1.17 -16.42
CA ARG D 112 -5.70 -0.33 -17.00
C ARG D 112 -6.98 -0.44 -16.20
N GLY D 113 -7.29 -1.61 -15.66
CA GLY D 113 -8.49 -1.74 -14.84
C GLY D 113 -8.41 -0.91 -13.56
N ASP D 114 -7.23 -0.82 -12.94
CA ASP D 114 -7.12 -0.07 -11.71
C ASP D 114 -7.05 1.44 -11.96
N PHE D 115 -6.46 1.86 -13.08
CA PHE D 115 -6.01 3.23 -13.20
C PHE D 115 -6.58 4.03 -14.35
N ALA D 116 -7.32 3.44 -15.28
CA ALA D 116 -7.65 4.21 -16.49
C ALA D 116 -9.10 4.01 -16.92
N ILE D 117 -9.52 4.85 -17.88
CA ILE D 117 -10.90 4.88 -18.35
C ILE D 117 -10.95 4.80 -19.88
N ASP D 118 -10.18 5.62 -20.59
CA ASP D 118 -10.33 5.77 -22.04
C ASP D 118 -9.25 5.00 -22.80
N VAL D 119 -9.62 4.44 -23.96
CA VAL D 119 -8.65 3.77 -24.83
C VAL D 119 -7.48 4.69 -25.18
N GLY D 120 -7.78 5.94 -25.57
CA GLY D 120 -6.72 6.84 -25.95
C GLY D 120 -5.91 7.38 -24.79
N ARG D 121 -6.27 7.02 -23.56
CA ARG D 121 -5.53 7.38 -22.35
C ARG D 121 -5.37 6.13 -21.51
N ASN D 122 -4.83 5.08 -22.14
CA ASN D 122 -4.76 3.78 -21.50
C ASN D 122 -3.37 3.41 -21.01
N ILE D 123 -2.55 4.44 -20.75
CA ILE D 123 -1.41 4.41 -19.82
CA ILE D 123 -1.42 4.38 -19.80
C ILE D 123 -0.16 3.70 -20.32
N ILE D 124 -0.31 2.52 -20.93
CA ILE D 124 0.83 1.61 -21.12
C ILE D 124 0.67 0.90 -22.45
N HIS D 125 1.81 0.61 -23.07
CA HIS D 125 1.88 -0.28 -24.21
C HIS D 125 2.73 -1.48 -23.80
N GLY D 126 2.30 -2.68 -24.16
CA GLY D 126 3.19 -3.83 -24.15
C GLY D 126 3.13 -4.56 -25.47
N SER D 127 4.27 -5.14 -25.85
CA SER D 127 4.31 -5.87 -27.11
C SER D 127 3.24 -6.96 -27.15
N ASP D 128 2.70 -7.22 -28.33
CA ASP D 128 1.63 -8.21 -28.45
C ASP D 128 2.09 -9.62 -28.74
N ALA D 129 3.38 -9.83 -29.01
CA ALA D 129 3.88 -11.15 -29.35
C ALA D 129 5.39 -11.13 -29.23
N VAL D 130 5.99 -12.33 -29.25
CA VAL D 130 7.45 -12.39 -29.17
C VAL D 130 8.11 -11.66 -30.33
N GLU D 131 7.58 -11.79 -31.56
CA GLU D 131 8.24 -11.20 -32.71
C GLU D 131 8.11 -9.68 -32.70
N THR D 132 6.94 -9.15 -32.31
CA THR D 132 6.79 -7.71 -32.19
C THR D 132 7.59 -7.17 -31.02
N ALA D 133 7.75 -7.96 -29.95
CA ALA D 133 8.64 -7.53 -28.87
C ALA D 133 10.07 -7.39 -29.37
N GLN D 134 10.55 -8.37 -30.13
CA GLN D 134 11.92 -8.27 -30.64
C GLN D 134 12.08 -7.01 -31.49
N ARG D 135 11.10 -6.73 -32.35
CA ARG D 135 11.15 -5.52 -33.17
C ARG D 135 11.14 -4.24 -32.33
N GLU D 136 10.23 -4.17 -31.36
CA GLU D 136 10.09 -2.96 -30.56
C GLU D 136 11.30 -2.72 -29.66
N ILE D 137 11.85 -3.79 -29.08
CA ILE D 137 13.06 -3.62 -28.27
C ILE D 137 14.17 -3.02 -29.13
N ALA D 138 14.40 -3.58 -30.34
CA ALA D 138 15.46 -3.07 -31.19
C ALA D 138 15.18 -1.65 -31.67
N LEU D 139 13.91 -1.30 -31.87
CA LEU D 139 13.57 0.05 -32.30
C LEU D 139 13.89 1.07 -31.21
N TRP D 140 13.52 0.76 -29.96
CA TRP D 140 13.64 1.73 -28.89
C TRP D 140 15.00 1.72 -28.21
N PHE D 141 15.75 0.60 -28.27
CA PHE D 141 17.00 0.49 -27.54
C PHE D 141 18.11 -0.04 -28.42
N GLN D 142 19.24 0.65 -28.40
CA GLN D 142 20.47 0.07 -28.95
C GLN D 142 20.95 -1.04 -28.04
N ASP D 143 21.69 -2.01 -28.63
CA ASP D 143 22.11 -3.17 -27.87
C ASP D 143 22.95 -2.77 -26.67
N SER D 144 23.70 -1.69 -26.77
CA SER D 144 24.54 -1.32 -25.66
C SER D 144 23.77 -0.66 -24.53
N GLU D 145 22.48 -0.41 -24.70
CA GLU D 145 21.63 0.04 -23.61
CA GLU D 145 21.61 0.04 -23.62
C GLU D 145 21.00 -1.10 -22.83
N LEU D 146 21.18 -2.33 -23.26
CA LEU D 146 20.62 -3.47 -22.54
C LEU D 146 21.60 -3.90 -21.47
N ASN D 147 21.11 -4.15 -20.28
CA ASN D 147 21.98 -4.55 -19.16
C ASN D 147 21.99 -6.05 -19.00
N GLU D 148 23.19 -6.63 -18.98
CA GLU D 148 23.37 -8.07 -18.73
C GLU D 148 23.61 -8.30 -17.24
N TRP D 149 22.68 -8.97 -16.58
CA TRP D 149 22.83 -9.21 -15.14
C TRP D 149 21.97 -10.39 -14.73
N THR D 150 22.32 -10.96 -13.58
CA THR D 150 21.64 -12.14 -13.06
C THR D 150 21.07 -11.79 -11.70
N PRO D 151 19.75 -11.71 -11.56
CA PRO D 151 19.15 -11.47 -10.23
C PRO D 151 19.37 -12.68 -9.34
N THR D 152 19.93 -12.45 -8.16
CA THR D 152 20.09 -13.58 -7.24
C THR D 152 18.74 -14.15 -6.79
N GLN D 153 17.68 -13.35 -6.82
CA GLN D 153 16.36 -13.84 -6.44
C GLN D 153 15.88 -14.94 -7.37
N ASN D 154 16.48 -15.09 -8.55
CA ASN D 154 15.98 -16.07 -9.49
C ASN D 154 16.03 -17.47 -8.91
N LYS D 155 16.90 -17.70 -7.92
CA LYS D 155 16.91 -18.98 -7.22
C LYS D 155 15.53 -19.35 -6.67
N TRP D 156 14.75 -18.34 -6.28
CA TRP D 156 13.43 -18.52 -5.67
C TRP D 156 12.29 -18.21 -6.62
N ILE D 157 12.57 -17.69 -7.82
CA ILE D 157 11.53 -17.40 -8.81
C ILE D 157 11.43 -18.52 -9.82
N TYR D 158 12.58 -19.13 -10.16
CA TYR D 158 12.62 -20.14 -11.20
C TYR D 158 13.06 -21.47 -10.63
N GLU D 159 12.39 -22.52 -11.08
CA GLU D 159 12.76 -23.86 -10.63
CA GLU D 159 12.70 -23.90 -10.71
C GLU D 159 13.99 -24.35 -11.39
N MET E 9 13.24 29.17 -8.55
CA MET E 9 13.72 28.20 -7.58
C MET E 9 13.11 26.83 -7.81
N SER E 10 11.97 26.77 -8.48
N SER E 10 11.96 26.80 -8.51
CA SER E 10 11.33 25.48 -8.64
CA SER E 10 11.24 25.56 -8.77
C SER E 10 11.94 24.66 -9.77
C SER E 10 11.96 24.67 -9.76
N ASN E 11 12.97 25.18 -10.46
CA ASN E 11 13.69 24.44 -11.47
C ASN E 11 14.97 23.80 -10.94
N GLU E 12 15.19 23.86 -9.64
CA GLU E 12 16.31 23.12 -9.03
C GLU E 12 16.22 21.63 -9.37
N ARG E 13 17.38 21.03 -9.62
CA ARG E 13 17.46 19.62 -9.96
C ARG E 13 18.45 18.89 -9.04
N THR E 14 18.17 17.61 -8.82
CA THR E 14 19.12 16.76 -8.10
C THR E 14 19.33 15.46 -8.85
N PHE E 15 20.45 14.80 -8.55
CA PHE E 15 20.77 13.49 -9.10
C PHE E 15 20.49 12.39 -8.07
N ILE E 16 19.77 11.35 -8.50
CA ILE E 16 19.50 10.18 -7.66
C ILE E 16 19.98 8.92 -8.39
N ALA E 17 20.69 8.07 -7.69
CA ALA E 17 21.03 6.75 -8.23
C ALA E 17 20.51 5.69 -7.27
N LEU E 18 19.77 4.73 -7.81
CA LEU E 18 19.41 3.55 -7.03
C LEU E 18 20.48 2.53 -7.34
N LYS E 19 21.26 2.20 -6.31
CA LYS E 19 22.51 1.44 -6.44
C LYS E 19 22.20 -0.04 -6.69
N PRO E 20 23.21 -0.87 -6.92
CA PRO E 20 22.88 -2.25 -7.37
C PRO E 20 22.08 -3.04 -6.36
N ASP E 21 22.23 -2.76 -5.06
CA ASP E 21 21.37 -3.39 -4.05
C ASP E 21 19.89 -3.05 -4.23
N ALA E 22 19.59 -1.79 -4.53
CA ALA E 22 18.19 -1.42 -4.76
C ALA E 22 17.60 -2.18 -5.93
N VAL E 23 18.38 -2.32 -7.02
CA VAL E 23 17.86 -2.99 -8.21
C VAL E 23 17.66 -4.48 -7.94
N GLN E 24 18.64 -5.11 -7.29
CA GLN E 24 18.53 -6.54 -6.98
C GLN E 24 17.42 -6.84 -5.98
N ARG E 25 17.06 -5.88 -5.12
CA ARG E 25 15.99 -6.06 -4.14
C ARG E 25 14.64 -5.59 -4.65
N GLY E 26 14.52 -5.15 -5.90
CA GLY E 26 13.19 -4.88 -6.43
C GLY E 26 12.59 -3.61 -5.89
N LEU E 27 13.43 -2.59 -5.63
CA LEU E 27 12.97 -1.35 -5.01
C LEU E 27 12.90 -0.18 -5.99
N VAL E 28 13.11 -0.40 -7.28
CA VAL E 28 13.16 0.71 -8.21
C VAL E 28 11.83 1.43 -8.27
N GLY E 29 10.74 0.71 -8.54
CA GLY E 29 9.46 1.36 -8.67
C GLY E 29 8.98 1.98 -7.38
N THR E 30 9.16 1.28 -6.27
CA THR E 30 8.75 1.78 -4.97
CA THR E 30 8.67 1.83 -5.01
C THR E 30 9.38 3.13 -4.66
N ILE E 31 10.69 3.24 -4.92
CA ILE E 31 11.39 4.48 -4.63
C ILE E 31 10.99 5.58 -5.60
N ILE E 32 10.92 5.27 -6.89
CA ILE E 32 10.46 6.29 -7.83
C ILE E 32 9.10 6.83 -7.41
N ALA E 33 8.18 5.95 -7.00
CA ALA E 33 6.85 6.40 -6.59
C ALA E 33 6.90 7.38 -5.42
N ARG E 34 7.86 7.23 -4.52
CA ARG E 34 7.95 8.20 -3.41
C ARG E 34 8.27 9.61 -3.93
N PHE E 35 9.10 9.72 -4.96
CA PHE E 35 9.42 11.04 -5.50
C PHE E 35 8.27 11.58 -6.31
N GLU E 36 7.55 10.72 -7.03
CA GLU E 36 6.38 11.17 -7.75
C GLU E 36 5.31 11.69 -6.80
N GLN E 37 5.05 10.94 -5.74
CA GLN E 37 3.96 11.33 -4.84
CA GLN E 37 3.98 11.32 -4.81
C GLN E 37 4.26 12.64 -4.11
N LYS E 38 5.54 12.99 -3.94
CA LYS E 38 5.94 14.23 -3.30
C LYS E 38 5.71 15.44 -4.18
N GLY E 39 5.61 15.25 -5.51
CA GLY E 39 5.43 16.36 -6.41
C GLY E 39 6.65 16.70 -7.21
N PHE E 40 7.74 15.96 -7.06
CA PHE E 40 8.92 16.25 -7.86
C PHE E 40 8.74 15.71 -9.28
N LYS E 41 9.43 16.35 -10.22
CA LYS E 41 9.26 16.08 -11.64
C LYS E 41 10.43 15.24 -12.16
N LEU E 42 10.10 14.11 -12.79
CA LEU E 42 11.14 13.24 -13.33
C LEU E 42 11.62 13.83 -14.67
N VAL E 43 12.91 14.20 -14.72
CA VAL E 43 13.50 14.84 -15.89
C VAL E 43 14.26 13.84 -16.76
N ALA E 44 14.88 12.85 -16.13
CA ALA E 44 15.69 11.87 -16.85
C ALA E 44 15.71 10.60 -16.02
N LEU E 45 15.90 9.46 -16.70
CA LEU E 45 15.91 8.17 -16.02
C LEU E 45 16.54 7.17 -16.95
N LYS E 46 17.43 6.33 -16.42
CA LYS E 46 17.93 5.21 -17.21
C LYS E 46 18.45 4.11 -16.30
N LEU E 47 18.46 2.90 -16.82
CA LEU E 47 19.15 1.79 -16.17
C LEU E 47 20.48 1.57 -16.89
N ILE E 48 21.59 1.66 -16.13
CA ILE E 48 22.93 1.58 -16.69
C ILE E 48 23.79 0.78 -15.73
N THR E 49 24.78 0.08 -16.26
CA THR E 49 25.77 -0.58 -15.42
C THR E 49 27.00 0.31 -15.47
N PRO E 50 27.28 1.09 -14.42
CA PRO E 50 28.33 2.11 -14.51
C PRO E 50 29.70 1.50 -14.82
N SER E 51 30.41 2.14 -15.73
CA SER E 51 31.80 1.79 -15.95
C SER E 51 32.66 2.24 -14.75
N ALA E 52 33.86 1.65 -14.68
CA ALA E 52 34.79 2.06 -13.64
C ALA E 52 35.10 3.55 -13.75
N ASP E 53 35.25 4.05 -14.97
CA ASP E 53 35.53 5.49 -15.16
C ASP E 53 34.40 6.34 -14.59
N LEU E 54 33.14 5.98 -14.89
CA LEU E 54 32.03 6.78 -14.37
C LEU E 54 31.97 6.70 -12.86
N ALA E 55 32.16 5.50 -12.29
CA ALA E 55 32.06 5.37 -10.84
C ALA E 55 33.18 6.13 -10.13
N LYS E 56 34.39 6.08 -10.69
CA LYS E 56 35.49 6.82 -10.07
C LYS E 56 35.22 8.32 -10.14
N LYS E 57 34.67 8.80 -11.27
CA LYS E 57 34.35 10.21 -11.36
C LYS E 57 33.22 10.58 -10.43
N HIS E 58 32.21 9.70 -10.30
CA HIS E 58 31.11 9.95 -9.39
C HIS E 58 31.59 10.17 -7.97
N TYR E 59 32.52 9.32 -7.52
CA TYR E 59 33.04 9.37 -6.16
C TYR E 59 34.35 10.14 -6.05
N ALA E 60 34.65 11.02 -7.01
CA ALA E 60 35.97 11.64 -7.08
C ALA E 60 36.35 12.40 -5.81
N GLU E 61 35.38 12.93 -5.06
CA GLU E 61 35.73 13.66 -3.85
C GLU E 61 36.47 12.79 -2.85
N HIS E 62 36.28 11.47 -2.94
CA HIS E 62 36.87 10.54 -2.00
C HIS E 62 38.12 9.89 -2.55
N ASP E 63 38.68 10.41 -3.64
CA ASP E 63 39.92 9.89 -4.20
C ASP E 63 40.95 9.75 -3.10
N GLY E 64 41.57 8.58 -3.03
CA GLY E 64 42.63 8.35 -2.08
C GLY E 64 42.24 8.05 -0.65
N LYS E 65 40.94 8.00 -0.34
CA LYS E 65 40.45 7.55 0.96
C LYS E 65 40.43 6.03 0.99
N PRO E 66 40.50 5.44 2.18
CA PRO E 66 40.56 3.96 2.24
C PRO E 66 39.30 3.28 1.72
N PHE E 67 38.16 3.96 1.76
CA PHE E 67 36.89 3.37 1.38
C PHE E 67 36.52 3.63 -0.07
N PHE E 68 37.36 4.39 -0.80
CA PHE E 68 37.04 4.74 -2.18
C PHE E 68 36.90 3.50 -3.06
N ASN E 69 37.86 2.58 -3.01
CA ASN E 69 37.79 1.44 -3.93
C ASN E 69 36.51 0.65 -3.72
N GLY E 70 36.10 0.47 -2.45
CA GLY E 70 34.89 -0.29 -2.17
C GLY E 70 33.65 0.37 -2.74
N LEU E 71 33.57 1.70 -2.67
CA LEU E 71 32.43 2.39 -3.26
C LEU E 71 32.39 2.19 -4.76
N VAL E 72 33.54 2.32 -5.40
CA VAL E 72 33.61 2.19 -6.85
C VAL E 72 33.29 0.76 -7.28
N GLU E 73 33.89 -0.21 -6.61
CA GLU E 73 33.64 -1.58 -6.99
C GLU E 73 32.17 -1.94 -6.84
N PHE E 74 31.52 -1.50 -5.77
CA PHE E 74 30.12 -1.84 -5.64
C PHE E 74 29.26 -1.16 -6.68
N LEU E 75 29.52 0.12 -6.98
CA LEU E 75 28.67 0.80 -7.94
C LEU E 75 28.79 0.22 -9.35
N THR E 76 29.93 -0.38 -9.68
CA THR E 76 30.12 -0.95 -11.01
C THR E 76 29.65 -2.39 -11.11
N SER E 77 29.15 -2.95 -10.00
CA SER E 77 28.96 -4.39 -9.93
C SER E 77 27.68 -4.86 -10.62
N GLY E 78 26.75 -3.95 -10.91
CA GLY E 78 25.49 -4.35 -11.49
C GLY E 78 24.72 -3.13 -11.95
N PRO E 79 23.51 -3.32 -12.47
CA PRO E 79 22.72 -2.19 -12.95
CA PRO E 79 22.71 -2.19 -12.96
C PRO E 79 22.33 -1.24 -11.84
N VAL E 80 22.22 0.03 -12.23
CA VAL E 80 21.88 1.17 -11.39
C VAL E 80 20.79 1.94 -12.09
N ALA E 81 19.78 2.39 -11.35
CA ALA E 81 18.78 3.28 -11.93
C ALA E 81 19.18 4.71 -11.62
N ALA E 82 19.62 5.44 -12.64
CA ALA E 82 20.10 6.80 -12.49
C ALA E 82 18.98 7.72 -12.95
N MET E 83 18.79 8.84 -12.25
CA MET E 83 17.68 9.72 -12.61
C MET E 83 17.93 11.14 -12.11
N VAL E 84 17.15 12.07 -12.67
CA VAL E 84 17.16 13.48 -12.32
C VAL E 84 15.76 13.87 -11.91
N TRP E 85 15.64 14.55 -10.76
CA TRP E 85 14.36 15.07 -10.29
C TRP E 85 14.43 16.58 -10.19
N GLU E 86 13.30 17.25 -10.46
CA GLU E 86 13.25 18.71 -10.49
C GLU E 86 12.15 19.21 -9.55
N GLY E 87 12.45 20.26 -8.80
CA GLY E 87 11.42 20.94 -8.03
C GLY E 87 12.05 21.85 -7.01
N LYS E 88 11.20 22.66 -6.39
CA LYS E 88 11.69 23.57 -5.36
CA LYS E 88 11.68 23.57 -5.34
C LYS E 88 12.33 22.77 -4.23
N GLY E 89 13.55 23.16 -3.84
CA GLY E 89 14.19 22.53 -2.71
C GLY E 89 14.49 21.06 -2.90
N VAL E 90 14.57 20.57 -4.15
CA VAL E 90 14.65 19.11 -4.34
C VAL E 90 15.94 18.51 -3.81
N VAL E 91 17.06 19.24 -3.86
CA VAL E 91 18.31 18.64 -3.39
C VAL E 91 18.19 18.30 -1.91
N ALA E 92 17.84 19.30 -1.09
CA ALA E 92 17.74 19.05 0.34
C ALA E 92 16.58 18.11 0.66
N ALA E 93 15.48 18.21 -0.09
CA ALA E 93 14.34 17.35 0.24
C ALA E 93 14.66 15.89 -0.06
N ALA E 94 15.36 15.63 -1.18
CA ALA E 94 15.71 14.25 -1.48
C ALA E 94 16.61 13.67 -0.41
N ARG E 95 17.52 14.47 0.13
CA ARG E 95 18.34 13.97 1.23
C ARG E 95 17.49 13.62 2.44
N LYS E 96 16.49 14.45 2.76
N LYS E 96 16.51 14.47 2.76
CA LYS E 96 15.62 14.16 3.88
CA LYS E 96 15.59 14.17 3.87
C LYS E 96 14.80 12.89 3.62
C LYS E 96 14.84 12.87 3.61
N MET E 97 14.34 12.70 2.38
CA MET E 97 13.57 11.51 2.02
C MET E 97 14.43 10.25 2.09
N ILE E 98 15.72 10.38 1.76
CA ILE E 98 16.64 9.24 1.79
C ILE E 98 16.94 8.83 3.22
N GLY E 99 17.17 9.80 4.09
CA GLY E 99 17.54 9.51 5.47
C GLY E 99 19.01 9.78 5.75
N ALA E 100 19.45 9.27 6.91
CA ALA E 100 20.83 9.45 7.33
C ALA E 100 21.74 8.59 6.47
N THR E 101 23.05 8.92 6.46
CA THR E 101 24.00 8.07 5.73
C THR E 101 23.91 6.62 6.19
N LYS E 102 23.87 6.41 7.51
CA LYS E 102 23.81 5.07 8.07
C LYS E 102 22.34 4.66 8.23
N PRO E 103 21.87 3.59 7.57
CA PRO E 103 20.44 3.24 7.66
C PRO E 103 19.95 3.04 9.07
N LEU E 104 20.75 2.48 9.98
CA LEU E 104 20.30 2.29 11.35
C LEU E 104 20.16 3.62 12.09
N GLU E 105 20.77 4.69 11.59
CA GLU E 105 20.59 6.03 12.14
C GLU E 105 19.45 6.78 11.45
N SER E 106 18.73 6.12 10.54
CA SER E 106 17.71 6.75 9.71
CA SER E 106 17.71 6.78 9.74
C SER E 106 16.32 6.45 10.27
N ALA E 107 15.41 7.41 10.15
CA ALA E 107 14.10 7.30 10.75
C ALA E 107 13.16 6.43 9.94
N PRO E 108 12.24 5.73 10.60
CA PRO E 108 11.12 5.12 9.87
C PRO E 108 10.43 6.20 9.03
N GLY E 109 10.04 5.82 7.82
CA GLY E 109 9.48 6.74 6.87
C GLY E 109 10.46 7.18 5.80
N THR E 110 11.76 7.16 6.10
CA THR E 110 12.77 7.46 5.09
C THR E 110 13.07 6.20 4.29
N ILE E 111 13.68 6.38 3.11
CA ILE E 111 14.02 5.24 2.27
C ILE E 111 14.97 4.29 2.99
N ARG E 112 16.07 4.83 3.54
CA ARG E 112 17.00 3.97 4.26
C ARG E 112 16.41 3.45 5.56
N GLY E 113 15.64 4.27 6.27
CA GLY E 113 15.04 3.81 7.51
C GLY E 113 14.06 2.68 7.29
N ASP E 114 13.30 2.73 6.20
CA ASP E 114 12.33 1.66 5.94
C ASP E 114 12.97 0.41 5.34
N PHE E 115 14.05 0.54 4.55
CA PHE E 115 14.49 -0.56 3.71
C PHE E 115 15.90 -1.06 3.91
N ALA E 116 16.74 -0.42 4.71
CA ALA E 116 18.13 -0.82 4.74
C ALA E 116 18.69 -0.94 6.15
N ILE E 117 19.84 -1.62 6.23
CA ILE E 117 20.52 -1.87 7.50
C ILE E 117 21.98 -1.44 7.47
N ASP E 118 22.70 -1.76 6.42
CA ASP E 118 24.17 -1.63 6.40
CA ASP E 118 24.16 -1.64 6.40
C ASP E 118 24.55 -0.39 5.61
N VAL E 119 25.51 0.38 6.13
CA VAL E 119 25.90 1.58 5.41
C VAL E 119 26.46 1.25 4.03
N GLY E 120 27.12 0.07 3.88
CA GLY E 120 27.59 -0.28 2.57
C GLY E 120 26.56 -0.88 1.63
N ARG E 121 25.33 -1.03 2.12
CA ARG E 121 24.18 -1.50 1.33
C ARG E 121 23.01 -0.57 1.62
N ASN E 122 23.22 0.70 1.31
CA ASN E 122 22.29 1.75 1.70
C ASN E 122 21.47 2.31 0.55
N ILE E 123 21.31 1.54 -0.52
CA ILE E 123 20.21 1.61 -1.49
C ILE E 123 20.34 2.72 -2.53
N ILE E 124 20.70 3.92 -2.08
CA ILE E 124 20.43 5.11 -2.88
C ILE E 124 21.55 6.12 -2.67
N HIS E 125 21.84 6.91 -3.71
CA HIS E 125 22.67 8.09 -3.63
C HIS E 125 21.83 9.29 -4.02
N GLY E 126 21.94 10.36 -3.25
CA GLY E 126 21.42 11.65 -3.67
C GLY E 126 22.49 12.70 -3.53
N SER E 127 22.48 13.67 -4.46
CA SER E 127 23.48 14.75 -4.40
C SER E 127 23.41 15.49 -3.07
N ASP E 128 24.54 15.99 -2.61
CA ASP E 128 24.55 16.60 -1.28
C ASP E 128 24.37 18.10 -1.28
N ALA E 129 24.34 18.74 -2.44
CA ALA E 129 24.25 20.20 -2.54
C ALA E 129 23.86 20.54 -3.97
N VAL E 130 23.45 21.80 -4.18
CA VAL E 130 23.11 22.23 -5.53
C VAL E 130 24.30 22.07 -6.48
N GLU E 131 25.51 22.45 -6.03
CA GLU E 131 26.68 22.41 -6.93
C GLU E 131 27.07 20.97 -7.27
N THR E 132 27.03 20.08 -6.30
CA THR E 132 27.34 18.69 -6.62
C THR E 132 26.22 18.05 -7.46
N ALA E 133 24.97 18.44 -7.25
CA ALA E 133 23.91 17.96 -8.14
C ALA E 133 24.19 18.36 -9.58
N GLN E 134 24.56 19.63 -9.80
CA GLN E 134 24.80 20.05 -11.17
C GLN E 134 25.93 19.25 -11.80
N ARG E 135 27.00 19.02 -11.02
CA ARG E 135 28.11 18.20 -11.51
C ARG E 135 27.64 16.78 -11.80
N GLU E 136 26.88 16.20 -10.88
CA GLU E 136 26.51 14.79 -11.03
C GLU E 136 25.54 14.60 -12.19
N ILE E 137 24.59 15.52 -12.36
CA ILE E 137 23.66 15.41 -13.48
C ILE E 137 24.43 15.42 -14.79
N ALA E 138 25.37 16.38 -14.92
CA ALA E 138 26.12 16.49 -16.16
C ALA E 138 27.02 15.28 -16.38
N LEU E 139 27.55 14.71 -15.30
CA LEU E 139 28.41 13.55 -15.41
C LEU E 139 27.64 12.35 -15.97
N TRP E 140 26.45 12.12 -15.43
CA TRP E 140 25.72 10.90 -15.74
C TRP E 140 24.84 11.02 -16.98
N PHE E 141 24.41 12.23 -17.35
CA PHE E 141 23.44 12.39 -18.42
C PHE E 141 23.95 13.40 -19.42
N GLN E 142 23.88 13.05 -20.70
CA GLN E 142 24.02 14.06 -21.73
C GLN E 142 22.81 14.98 -21.74
N ASP E 143 23.00 16.22 -22.20
CA ASP E 143 21.88 17.13 -22.25
C ASP E 143 20.70 16.56 -23.02
N SER E 144 20.96 15.78 -24.06
CA SER E 144 19.90 15.20 -24.87
C SER E 144 19.04 14.21 -24.12
N GLU E 145 19.51 13.67 -23.00
CA GLU E 145 18.74 12.75 -22.16
C GLU E 145 17.82 13.44 -21.18
N LEU E 146 17.87 14.77 -21.11
CA LEU E 146 17.03 15.50 -20.18
C LEU E 146 15.75 15.89 -20.89
N ASN E 147 14.62 15.57 -20.29
CA ASN E 147 13.33 15.78 -20.95
C ASN E 147 12.74 17.08 -20.47
N GLU E 148 12.39 17.95 -21.41
CA GLU E 148 11.72 19.21 -21.14
C GLU E 148 10.21 18.98 -21.20
N TRP E 149 9.53 19.15 -20.06
CA TRP E 149 8.08 18.97 -20.05
C TRP E 149 7.50 19.74 -18.88
N THR E 150 6.19 19.93 -18.94
CA THR E 150 5.46 20.74 -17.96
C THR E 150 4.35 19.92 -17.34
N PRO E 151 4.45 19.54 -16.07
CA PRO E 151 3.38 18.74 -15.44
C PRO E 151 2.13 19.58 -15.23
N THR E 152 1.01 19.10 -15.76
CA THR E 152 -0.29 19.71 -15.53
C THR E 152 -0.56 19.90 -14.05
N GLN E 153 -0.13 18.93 -13.23
CA GLN E 153 -0.41 19.00 -11.81
C GLN E 153 0.33 20.11 -11.09
N ASN E 154 1.25 20.81 -11.75
CA ASN E 154 1.97 21.85 -11.03
C ASN E 154 1.07 22.99 -10.56
N LYS E 155 -0.12 23.14 -11.14
CA LYS E 155 -1.11 24.08 -10.62
C LYS E 155 -1.38 23.80 -9.16
N TRP E 156 -1.31 22.52 -8.76
CA TRP E 156 -1.67 22.10 -7.41
C TRP E 156 -0.45 21.83 -6.55
N ILE E 157 0.73 21.69 -7.16
CA ILE E 157 1.97 21.52 -6.42
C ILE E 157 2.54 22.87 -6.00
N TYR E 158 2.46 23.87 -6.87
CA TYR E 158 3.13 25.13 -6.66
C TYR E 158 2.12 26.27 -6.60
N GLU E 159 2.30 27.17 -5.65
CA GLU E 159 1.43 28.34 -5.57
CA GLU E 159 1.44 28.34 -5.56
C GLU E 159 1.82 29.35 -6.63
N HIS F 4 -15.46 19.26 36.21
CA HIS F 4 -15.13 19.91 34.94
C HIS F 4 -15.07 18.93 33.76
N HIS F 5 -14.17 17.95 33.84
CA HIS F 5 -13.89 17.04 32.74
C HIS F 5 -14.60 15.70 32.90
N HIS F 6 -14.97 15.12 31.74
CA HIS F 6 -15.57 13.79 31.67
C HIS F 6 -14.50 12.72 31.93
N HIS F 7 -14.95 11.53 32.34
CA HIS F 7 -13.97 10.51 32.71
C HIS F 7 -13.07 10.07 31.54
N HIS F 8 -13.50 10.24 30.30
CA HIS F 8 -12.59 10.08 29.16
C HIS F 8 -12.48 11.37 28.36
N MET F 9 -11.23 11.78 28.12
CA MET F 9 -10.89 12.76 27.11
C MET F 9 -10.82 12.13 25.72
N SER F 10 -11.28 10.89 25.60
CA SER F 10 -11.29 10.24 24.31
C SER F 10 -12.38 10.78 23.40
N ASN F 11 -13.22 11.68 23.89
CA ASN F 11 -14.23 12.35 23.06
C ASN F 11 -13.73 13.64 22.43
N GLU F 12 -12.45 13.98 22.59
CA GLU F 12 -11.89 15.15 21.95
C GLU F 12 -12.11 15.05 20.44
N ARG F 13 -12.38 16.19 19.82
CA ARG F 13 -12.60 16.26 18.38
C ARG F 13 -11.73 17.32 17.73
N THR F 14 -11.33 17.07 16.48
CA THR F 14 -10.63 18.08 15.68
C THR F 14 -11.27 18.22 14.32
N PHE F 15 -11.07 19.39 13.72
CA PHE F 15 -11.51 19.66 12.37
C PHE F 15 -10.37 19.50 11.38
N ILE F 16 -10.63 18.79 10.29
CA ILE F 16 -9.66 18.56 9.21
C ILE F 16 -10.30 19.00 7.90
N ALA F 17 -9.56 19.77 7.10
CA ALA F 17 -9.99 20.06 5.74
C ALA F 17 -8.92 19.64 4.76
N LEU F 18 -9.32 18.85 3.78
CA LEU F 18 -8.46 18.53 2.64
C LEU F 18 -8.76 19.60 1.61
N LYS F 19 -7.78 20.46 1.38
CA LYS F 19 -7.97 21.70 0.64
C LYS F 19 -8.05 21.39 -0.86
N PRO F 20 -8.32 22.38 -1.71
CA PRO F 20 -8.57 22.06 -3.11
C PRO F 20 -7.45 21.36 -3.80
N ASP F 21 -6.20 21.61 -3.42
CA ASP F 21 -5.08 20.83 -3.97
C ASP F 21 -5.14 19.35 -3.65
N ALA F 22 -5.55 19.01 -2.43
CA ALA F 22 -5.67 17.61 -2.07
C ALA F 22 -6.71 16.92 -2.93
N VAL F 23 -7.84 17.59 -3.19
CA VAL F 23 -8.90 16.98 -3.98
C VAL F 23 -8.45 16.82 -5.44
N GLN F 24 -7.85 17.86 -6.01
CA GLN F 24 -7.40 17.79 -7.40
C GLN F 24 -6.30 16.76 -7.59
N ARG F 25 -5.52 16.48 -6.54
CA ARG F 25 -4.43 15.51 -6.63
C ARG F 25 -4.85 14.11 -6.23
N GLY F 26 -6.14 13.88 -5.97
CA GLY F 26 -6.55 12.49 -5.71
C GLY F 26 -6.08 11.94 -4.39
N LEU F 27 -6.02 12.76 -3.35
CA LEU F 27 -5.48 12.38 -2.06
C LEU F 27 -6.54 12.21 -1.00
N VAL F 28 -7.82 12.27 -1.35
CA VAL F 28 -8.86 12.26 -0.31
C VAL F 28 -8.88 10.92 0.41
N GLY F 29 -8.98 9.82 -0.33
CA GLY F 29 -9.05 8.51 0.33
C GLY F 29 -7.77 8.14 1.03
N THR F 30 -6.62 8.44 0.42
CA THR F 30 -5.35 8.13 1.04
C THR F 30 -5.22 8.79 2.40
N ILE F 31 -5.64 10.06 2.50
CA ILE F 31 -5.48 10.75 3.76
C ILE F 31 -6.51 10.27 4.78
N ILE F 32 -7.76 10.09 4.36
CA ILE F 32 -8.76 9.55 5.28
C ILE F 32 -8.28 8.23 5.85
N ALA F 33 -7.69 7.36 5.02
CA ALA F 33 -7.23 6.06 5.49
C ALA F 33 -6.16 6.20 6.57
N ARG F 34 -5.30 7.22 6.52
CA ARG F 34 -4.31 7.37 7.58
C ARG F 34 -4.95 7.64 8.92
N PHE F 35 -6.04 8.41 8.94
CA PHE F 35 -6.76 8.66 10.19
C PHE F 35 -7.52 7.43 10.65
N GLU F 36 -8.11 6.67 9.73
CA GLU F 36 -8.80 5.45 10.13
C GLU F 36 -7.82 4.42 10.69
N GLN F 37 -6.65 4.25 10.05
CA GLN F 37 -5.70 3.23 10.50
CA GLN F 37 -5.73 3.20 10.52
C GLN F 37 -5.14 3.56 11.87
N LYS F 38 -5.11 4.85 12.24
CA LYS F 38 -4.60 5.30 13.53
C LYS F 38 -5.55 4.98 14.66
N GLY F 39 -6.83 4.77 14.35
CA GLY F 39 -7.84 4.52 15.37
C GLY F 39 -8.76 5.70 15.65
N PHE F 40 -8.62 6.80 14.93
CA PHE F 40 -9.52 7.92 15.15
C PHE F 40 -10.87 7.63 14.50
N LYS F 41 -11.91 8.21 15.05
CA LYS F 41 -13.28 7.94 14.64
C LYS F 41 -13.81 9.09 13.79
N LEU F 42 -14.31 8.74 12.61
CA LEU F 42 -14.87 9.76 11.72
C LEU F 42 -16.27 10.12 12.21
N VAL F 43 -16.47 11.40 12.56
CA VAL F 43 -17.74 11.87 13.09
C VAL F 43 -18.54 12.62 12.03
N ALA F 44 -17.87 13.24 11.09
CA ALA F 44 -18.57 14.04 10.08
C ALA F 44 -17.65 14.15 8.90
N LEU F 45 -18.24 14.31 7.72
CA LEU F 45 -17.49 14.35 6.48
C LEU F 45 -18.40 14.93 5.41
N LYS F 46 -17.87 15.86 4.60
CA LYS F 46 -18.61 16.34 3.44
C LYS F 46 -17.67 16.97 2.44
N LEU F 47 -18.00 16.82 1.16
CA LEU F 47 -17.32 17.57 0.12
C LEU F 47 -18.12 18.81 -0.16
N ILE F 48 -17.49 19.96 0.02
CA ILE F 48 -18.15 21.26 -0.09
CA ILE F 48 -18.18 21.24 -0.19
C ILE F 48 -17.21 22.23 -0.81
N THR F 49 -17.77 23.18 -1.56
CA THR F 49 -16.99 24.27 -2.11
C THR F 49 -17.26 25.46 -1.21
N PRO F 50 -16.33 25.84 -0.33
CA PRO F 50 -16.64 26.84 0.71
C PRO F 50 -17.04 28.19 0.15
N SER F 51 -17.98 28.81 0.84
CA SER F 51 -18.34 30.19 0.54
C SER F 51 -17.26 31.15 1.01
N ALA F 52 -17.32 32.37 0.49
CA ALA F 52 -16.37 33.38 0.96
C ALA F 52 -16.54 33.65 2.45
N ASP F 53 -17.79 33.72 2.93
CA ASP F 53 -18.00 33.93 4.36
C ASP F 53 -17.39 32.82 5.20
N LEU F 54 -17.58 31.56 4.79
CA LEU F 54 -17.04 30.45 5.55
C LEU F 54 -15.52 30.52 5.58
N ALA F 55 -14.91 30.77 4.41
CA ALA F 55 -13.45 30.84 4.33
C ALA F 55 -12.90 31.98 5.16
N LYS F 56 -13.53 33.16 5.07
CA LYS F 56 -13.08 34.31 5.85
C LYS F 56 -13.21 34.06 7.34
N LYS F 57 -14.29 33.40 7.76
CA LYS F 57 -14.43 33.09 9.18
C LYS F 57 -13.49 31.99 9.61
N HIS F 58 -13.26 31.02 8.74
CA HIS F 58 -12.30 29.98 9.05
C HIS F 58 -10.93 30.59 9.33
N TYR F 59 -10.52 31.53 8.49
CA TYR F 59 -9.22 32.18 8.59
C TYR F 59 -9.26 33.50 9.37
N ALA F 60 -10.27 33.69 10.24
CA ALA F 60 -10.45 34.97 10.93
C ALA F 60 -9.19 35.43 11.66
N GLU F 61 -8.37 34.51 12.17
CA GLU F 61 -7.19 34.97 12.91
C GLU F 61 -6.24 35.75 12.01
N HIS F 62 -6.35 35.57 10.69
CA HIS F 62 -5.46 36.24 9.74
C HIS F 62 -6.12 37.43 9.06
N ASP F 63 -7.35 37.77 9.42
CA ASP F 63 -8.05 38.85 8.73
CA ASP F 63 -8.05 38.85 8.74
C ASP F 63 -7.26 40.15 8.87
N GLY F 64 -7.12 40.87 7.76
CA GLY F 64 -6.34 42.09 7.73
C GLY F 64 -4.88 41.91 7.38
N LYS F 65 -4.39 40.68 7.38
CA LYS F 65 -3.00 40.47 7.05
C LYS F 65 -2.84 40.35 5.53
N PRO F 66 -1.61 40.58 5.03
CA PRO F 66 -1.42 40.62 3.56
C PRO F 66 -1.75 39.33 2.85
N PHE F 67 -1.57 38.18 3.50
CA PHE F 67 -1.80 36.90 2.84
C PHE F 67 -3.21 36.37 3.04
N PHE F 68 -4.07 37.11 3.76
CA PHE F 68 -5.41 36.64 4.06
C PHE F 68 -6.22 36.40 2.79
N ASN F 69 -6.23 37.39 1.87
CA ASN F 69 -7.05 37.25 0.67
C ASN F 69 -6.65 36.04 -0.14
N GLY F 70 -5.35 35.75 -0.22
CA GLY F 70 -4.90 34.59 -0.98
C GLY F 70 -5.35 33.27 -0.36
N LEU F 71 -5.29 33.17 0.96
CA LEU F 71 -5.82 32.00 1.65
C LEU F 71 -7.31 31.81 1.36
N VAL F 72 -8.09 32.89 1.44
CA VAL F 72 -9.53 32.78 1.23
C VAL F 72 -9.83 32.44 -0.22
N GLU F 73 -9.15 33.08 -1.15
CA GLU F 73 -9.39 32.79 -2.56
CA GLU F 73 -9.37 32.80 -2.57
C GLU F 73 -9.05 31.35 -2.89
N PHE F 74 -7.98 30.82 -2.31
CA PHE F 74 -7.63 29.43 -2.62
C PHE F 74 -8.66 28.47 -2.04
N LEU F 75 -9.04 28.67 -0.78
CA LEU F 75 -9.97 27.73 -0.14
C LEU F 75 -11.32 27.71 -0.85
N THR F 76 -11.74 28.84 -1.44
CA THR F 76 -13.04 28.95 -2.08
C THR F 76 -12.98 28.55 -3.55
N SER F 77 -11.82 28.15 -4.03
CA SER F 77 -11.62 27.99 -5.47
C SER F 77 -12.15 26.67 -6.00
N GLY F 78 -12.41 25.69 -5.14
CA GLY F 78 -12.86 24.40 -5.58
C GLY F 78 -13.28 23.56 -4.40
N PRO F 79 -13.63 22.30 -4.65
CA PRO F 79 -14.11 21.44 -3.55
C PRO F 79 -13.06 21.14 -2.51
N VAL F 80 -13.54 21.01 -1.28
CA VAL F 80 -12.77 20.74 -0.07
C VAL F 80 -13.44 19.57 0.63
N ALA F 81 -12.66 18.61 1.13
CA ALA F 81 -13.20 17.54 1.96
C ALA F 81 -13.07 17.96 3.42
N ALA F 82 -14.19 18.32 4.04
CA ALA F 82 -14.23 18.81 5.42
C ALA F 82 -14.67 17.66 6.31
N MET F 83 -14.03 17.52 7.48
CA MET F 83 -14.36 16.37 8.31
C MET F 83 -14.02 16.64 9.76
N VAL F 84 -14.58 15.79 10.62
CA VAL F 84 -14.37 15.83 12.06
C VAL F 84 -13.89 14.45 12.51
N TRP F 85 -12.80 14.41 13.28
CA TRP F 85 -12.26 13.17 13.82
C TRP F 85 -12.30 13.25 15.34
N GLU F 86 -12.59 12.10 15.96
CA GLU F 86 -12.71 12.01 17.41
C GLU F 86 -11.73 11.00 17.98
N GLY F 87 -11.12 11.35 19.09
CA GLY F 87 -10.32 10.39 19.86
C GLY F 87 -9.43 11.10 20.85
N LYS F 88 -8.82 10.31 21.72
CA LYS F 88 -7.91 10.89 22.70
C LYS F 88 -6.78 11.61 22.01
N GLY F 89 -6.53 12.84 22.42
CA GLY F 89 -5.38 13.54 21.85
C GLY F 89 -5.48 13.87 20.37
N VAL F 90 -6.69 13.84 19.78
CA VAL F 90 -6.78 13.92 18.32
C VAL F 90 -6.28 15.26 17.78
N VAL F 91 -6.50 16.36 18.50
CA VAL F 91 -6.06 17.65 17.95
C VAL F 91 -4.54 17.66 17.75
N ALA F 92 -3.79 17.37 18.82
CA ALA F 92 -2.33 17.39 18.69
C ALA F 92 -1.84 16.28 17.78
N ALA F 93 -2.50 15.12 17.82
CA ALA F 93 -2.03 13.99 16.99
C ALA F 93 -2.23 14.30 15.52
N ALA F 94 -3.35 14.91 15.15
CA ALA F 94 -3.54 15.25 13.75
C ALA F 94 -2.51 16.26 13.28
N ARG F 95 -2.15 17.21 14.14
CA ARG F 95 -1.09 18.15 13.75
CA ARG F 95 -1.08 18.15 13.76
C ARG F 95 0.22 17.42 13.52
N LYS F 96 0.54 16.42 14.36
CA LYS F 96 1.76 15.65 14.17
CA LYS F 96 1.76 15.64 14.18
C LYS F 96 1.69 14.85 12.87
N MET F 97 0.51 14.33 12.55
CA MET F 97 0.34 13.54 11.32
C MET F 97 0.48 14.41 10.08
N ILE F 98 0.04 15.66 10.18
CA ILE F 98 0.09 16.59 9.06
C ILE F 98 1.53 17.01 8.78
N GLY F 99 2.28 17.35 9.81
CA GLY F 99 3.66 17.78 9.64
C GLY F 99 3.83 19.27 9.86
N ALA F 100 4.95 19.78 9.37
CA ALA F 100 5.32 21.16 9.55
C ALA F 100 4.55 22.07 8.59
N THR F 101 4.50 23.37 8.92
CA THR F 101 3.85 24.32 8.03
C THR F 101 4.46 24.30 6.63
N LYS F 102 5.79 24.24 6.56
CA LYS F 102 6.52 24.16 5.30
C LYS F 102 6.66 22.69 4.93
N PRO F 103 6.01 22.21 3.87
CA PRO F 103 6.16 20.79 3.51
C PRO F 103 7.59 20.35 3.29
N LEU F 104 8.46 21.22 2.76
CA LEU F 104 9.83 20.78 2.51
C LEU F 104 10.57 20.46 3.79
N GLU F 105 10.15 21.04 4.93
CA GLU F 105 10.76 20.77 6.23
C GLU F 105 10.01 19.71 7.02
N SER F 106 8.99 19.10 6.42
CA SER F 106 8.17 18.11 7.10
CA SER F 106 8.17 18.11 7.11
C SER F 106 8.77 16.72 6.93
N ALA F 107 8.69 15.92 7.98
CA ALA F 107 9.38 14.64 7.97
C ALA F 107 8.71 13.66 7.03
N PRO F 108 9.49 12.81 6.38
CA PRO F 108 8.88 11.65 5.70
C PRO F 108 8.01 10.89 6.68
N GLY F 109 6.84 10.46 6.20
CA GLY F 109 5.83 9.82 7.00
C GLY F 109 4.68 10.72 7.37
N THR F 110 4.90 12.03 7.40
CA THR F 110 3.82 12.97 7.61
C THR F 110 3.12 13.21 6.28
N ILE F 111 1.92 13.79 6.35
CA ILE F 111 1.16 14.01 5.12
C ILE F 111 1.85 15.04 4.24
N ARG F 112 2.26 16.17 4.81
CA ARG F 112 2.95 17.17 4.00
C ARG F 112 4.34 16.68 3.61
N GLY F 113 5.03 15.96 4.50
CA GLY F 113 6.34 15.46 4.13
C GLY F 113 6.29 14.47 2.98
N ASP F 114 5.26 13.62 2.95
CA ASP F 114 5.16 12.65 1.87
C ASP F 114 4.67 13.25 0.57
N PHE F 115 3.81 14.27 0.62
CA PHE F 115 3.02 14.62 -0.55
C PHE F 115 3.16 16.05 -1.04
N ALA F 116 3.85 16.93 -0.34
CA ALA F 116 3.75 18.35 -0.71
C ALA F 116 5.10 19.05 -0.68
N ILE F 117 5.10 20.21 -1.33
CA ILE F 117 6.30 21.02 -1.52
C ILE F 117 6.14 22.47 -1.05
N ASP F 118 5.03 23.12 -1.42
N ASP F 118 5.00 23.09 -1.37
CA ASP F 118 4.83 24.56 -1.20
CA ASP F 118 4.80 24.53 -1.22
C ASP F 118 3.87 24.82 -0.04
C ASP F 118 3.86 24.82 -0.05
N VAL F 119 4.17 25.86 0.74
CA VAL F 119 3.28 26.26 1.83
CA VAL F 119 3.28 26.23 1.84
C VAL F 119 1.88 26.58 1.34
N GLY F 120 1.78 27.27 0.19
CA GLY F 120 0.48 27.61 -0.34
C GLY F 120 -0.23 26.46 -1.01
N ARG F 121 0.42 25.30 -1.11
CA ARG F 121 -0.19 24.08 -1.63
C ARG F 121 0.13 22.95 -0.67
N ASN F 122 -0.30 23.12 0.58
CA ASN F 122 0.11 22.22 1.65
C ASN F 122 -0.98 21.28 2.11
N ILE F 123 -1.96 21.05 1.22
CA ILE F 123 -2.85 19.89 1.20
CA ILE F 123 -2.84 19.87 1.21
C ILE F 123 -3.95 19.88 2.26
N ILE F 124 -3.64 20.23 3.52
CA ILE F 124 -4.56 19.91 4.60
C ILE F 124 -4.48 20.98 5.68
N HIS F 125 -5.62 21.24 6.33
CA HIS F 125 -5.68 22.04 7.52
C HIS F 125 -6.13 21.15 8.67
N GLY F 126 -5.51 21.30 9.82
CA GLY F 126 -6.03 20.73 11.05
C GLY F 126 -6.06 21.80 12.12
N SER F 127 -7.07 21.73 13.00
CA SER F 127 -7.18 22.73 14.06
C SER F 127 -5.91 22.75 14.90
N ASP F 128 -5.58 23.93 15.44
CA ASP F 128 -4.33 24.04 16.18
C ASP F 128 -4.47 23.81 17.68
N ALA F 129 -5.68 23.67 18.20
CA ALA F 129 -5.89 23.58 19.65
C ALA F 129 -7.32 23.09 19.86
N VAL F 130 -7.62 22.67 21.10
CA VAL F 130 -8.98 22.20 21.39
C VAL F 130 -9.99 23.31 21.16
N GLU F 131 -9.68 24.53 21.58
CA GLU F 131 -10.64 25.62 21.47
C GLU F 131 -10.89 26.02 20.01
N THR F 132 -9.84 26.12 19.20
CA THR F 132 -10.07 26.41 17.79
C THR F 132 -10.75 25.25 17.10
N ALA F 133 -10.48 23.99 17.50
CA ALA F 133 -11.21 22.86 16.94
C ALA F 133 -12.69 22.98 17.20
N GLN F 134 -13.06 23.32 18.44
CA GLN F 134 -14.48 23.49 18.74
C GLN F 134 -15.09 24.56 17.86
N ARG F 135 -14.38 25.67 17.68
CA ARG F 135 -14.88 26.77 16.87
C ARG F 135 -15.03 26.36 15.41
N GLU F 136 -14.02 25.66 14.88
CA GLU F 136 -14.04 25.28 13.46
C GLU F 136 -15.09 24.22 13.19
N ILE F 137 -15.24 23.25 14.09
CA ILE F 137 -16.29 22.25 13.89
C ILE F 137 -17.65 22.93 13.78
N ALA F 138 -17.93 23.87 14.69
CA ALA F 138 -19.25 24.49 14.70
C ALA F 138 -19.42 25.40 13.50
N LEU F 139 -18.32 25.92 12.96
CA LEU F 139 -18.42 26.78 11.79
C LEU F 139 -18.75 25.96 10.55
N TRP F 140 -18.14 24.78 10.41
CA TRP F 140 -18.26 24.02 9.18
C TRP F 140 -19.42 23.03 9.19
N PHE F 141 -19.88 22.61 10.37
CA PHE F 141 -20.92 21.60 10.49
C PHE F 141 -22.01 22.03 11.45
N GLN F 142 -23.26 21.83 11.04
CA GLN F 142 -24.36 21.86 11.98
C GLN F 142 -24.40 20.59 12.82
N ASP F 143 -25.01 20.69 14.00
CA ASP F 143 -25.04 19.55 14.91
C ASP F 143 -25.63 18.31 14.25
N SER F 144 -26.63 18.50 13.36
CA SER F 144 -27.27 17.36 12.72
C SER F 144 -26.35 16.59 11.81
N GLU F 145 -25.20 17.16 11.44
CA GLU F 145 -24.25 16.50 10.57
C GLU F 145 -23.25 15.67 11.33
N LEU F 146 -23.26 15.76 12.66
CA LEU F 146 -22.32 14.99 13.47
C LEU F 146 -22.96 13.64 13.78
N ASN F 147 -22.25 12.57 13.45
CA ASN F 147 -22.79 11.22 13.60
C ASN F 147 -22.40 10.68 14.96
N GLU F 148 -23.41 10.21 15.70
CA GLU F 148 -23.23 9.59 17.00
C GLU F 148 -23.13 8.08 16.80
N TRP F 149 -21.95 7.52 17.01
CA TRP F 149 -21.80 6.08 16.85
C TRP F 149 -20.68 5.58 17.73
N THR F 150 -20.62 4.26 17.88
CA THR F 150 -19.69 3.61 18.78
C THR F 150 -18.90 2.56 18.00
N PRO F 151 -17.63 2.80 17.71
CA PRO F 151 -16.83 1.78 16.98
C PRO F 151 -16.62 0.54 17.84
N THR F 152 -16.98 -0.62 17.28
CA THR F 152 -16.73 -1.90 17.95
CA THR F 152 -16.72 -1.87 17.99
C THR F 152 -15.25 -2.05 18.29
N GLN F 153 -14.36 -1.57 17.43
CA GLN F 153 -12.93 -1.74 17.62
C GLN F 153 -12.41 -0.94 18.79
N ASN F 154 -13.21 -0.07 19.41
CA ASN F 154 -12.66 0.72 20.49
C ASN F 154 -12.22 -0.13 21.67
N LYS F 155 -12.73 -1.35 21.79
CA LYS F 155 -12.23 -2.29 22.79
C LYS F 155 -10.72 -2.49 22.66
N TRP F 156 -10.21 -2.39 21.42
CA TRP F 156 -8.79 -2.60 21.13
C TRP F 156 -8.01 -1.32 20.96
N ILE F 157 -8.69 -0.20 20.78
CA ILE F 157 -8.07 1.13 20.63
CA ILE F 157 -8.00 1.08 20.66
C ILE F 157 -7.81 1.73 22.01
N TYR F 158 -8.76 1.57 22.94
CA TYR F 158 -8.74 2.24 24.22
C TYR F 158 -8.70 1.24 25.36
N GLU F 159 -7.85 1.51 26.32
CA GLU F 159 -7.83 0.70 27.52
CA GLU F 159 -7.83 0.70 27.53
C GLU F 159 -9.06 0.96 28.38
C1 EDO G . 18.85 -20.91 14.72
O1 EDO G . 20.01 -20.39 14.06
C2 EDO G . 19.22 -21.45 16.10
O2 EDO G . 19.64 -20.38 16.97
C1 EDO H . -9.21 -23.81 18.71
O1 EDO H . -10.47 -23.26 18.35
C2 EDO H . -9.34 -25.32 18.93
O2 EDO H . -9.76 -25.93 17.70
C1 EDO I . -2.43 -21.66 22.29
C1 EDO I . -2.81 -21.54 21.79
O1 EDO I . -1.54 -20.91 23.12
O1 EDO I . -1.86 -20.94 22.68
C2 EDO I . -1.63 -22.16 21.09
C2 EDO I . -3.72 -22.51 22.53
O2 EDO I . -0.39 -22.72 21.55
O2 EDO I . -4.34 -21.86 23.65
MG MG J . -12.53 -20.95 16.40
C1 EDO K . -24.22 19.93 -10.46
O1 EDO K . -24.95 18.78 -10.93
C2 EDO K . -22.80 19.55 -10.10
O2 EDO K . -21.99 19.59 -11.27
C1 EDO L . 21.73 -7.96 -22.12
O1 EDO L . 21.69 -9.30 -21.61
C2 EDO L . 22.22 -8.04 -23.56
O2 EDO L . 21.14 -8.50 -24.40
C FMT M . 17.18 3.09 -30.67
O1 FMT M . 17.43 1.94 -31.01
O2 FMT M . 18.00 3.99 -30.51
MG MG N . -0.50 4.82 -44.82
MG MG O . 1.53 9.62 -43.23
C1 EDO P . 24.40 -0.78 -20.00
O1 EDO P . 25.20 -0.04 -19.07
C2 EDO P . 24.72 -2.27 -19.93
O2 EDO P . 26.13 -2.51 -19.99
C FMT Q . -0.54 -5.00 -7.84
O1 FMT Q . 0.13 -4.68 -6.85
O2 FMT Q . -1.78 -5.02 -7.87
C1 EDO R . 15.20 19.72 -19.84
O1 EDO R . 14.28 20.78 -19.57
C2 EDO R . 16.50 20.30 -20.41
O2 EDO R . 17.36 20.74 -19.35
C1 EDO S . 24.57 10.01 -0.62
O1 EDO S . 23.16 9.76 -0.61
C2 EDO S . 25.26 9.34 0.56
O2 EDO S . 24.53 9.39 1.80
C FMT T . 26.65 7.00 -2.76
O1 FMT T . 26.78 8.13 -2.27
O2 FMT T . 27.06 5.95 -2.25
C1 EDO U . -23.28 14.16 17.83
C1 EDO U . -23.02 14.53 18.21
O1 EDO U . -24.29 13.49 17.09
O1 EDO U . -21.86 15.22 18.70
C2 EDO U . -22.00 13.34 17.86
C2 EDO U . -22.64 13.16 17.65
O2 EDO U . -22.19 12.19 18.69
O2 EDO U . -21.90 12.44 18.64
C1 EDO V . -20.80 31.07 9.18
O1 EDO V . -22.00 30.32 8.91
C2 EDO V . -19.76 30.77 8.09
O2 EDO V . -20.32 30.93 6.78
C1 EDO W . -25.86 11.94 11.14
O1 EDO W . -26.60 11.61 9.95
C2 EDO W . -26.68 12.33 12.37
O2 EDO W . -27.60 11.31 12.80
C1 EDO X . -2.42 24.99 9.72
O1 EDO X . -1.58 24.86 8.57
C2 EDO X . -3.52 23.93 9.65
O2 EDO X . -2.90 22.66 9.59
#